data_2INU
#
_entry.id   2INU
#
_cell.length_a   159.138
_cell.length_b   91.907
_cell.length_c   93.022
_cell.angle_alpha   90.00
_cell.angle_beta   124.75
_cell.angle_gamma   90.00
#
_symmetry.space_group_name_H-M   'C 1 2 1'
#
loop_
_entity.id
_entity.type
_entity.pdbx_description
1 polymer 'Inulin fructotransferase'
2 non-polymer PHOSPHONATE
3 water water
#
_entity_poly.entity_id   1
_entity_poly.type   'polypeptide(L)'
_entity_poly.pdbx_seq_one_letter_code
;ADGQQGAPLNSPNTYDVTTWRIKAHPEVTAQSDIGAVINDIIADIKQRQTSPDARPGAAIIIPPGDYDLHTQVVVDVSYL
TIAGFGHGFFSRSILDNSNPTGWQNLQPGASHIRVLTSPSAPQAFLVKRAGDPRLSGIVFRDFCLDGVGFTPGKNSYHNG
KTGIEVASDNDSFHITG(MSE)GFVYLEHALIVRGADALRVNDN(MSE)IAECGNCVELTGAGQATIVSGNH(MSE)GAG
PDGVTLLAENHEGLLVTGNNLFPRGRSLIEFTGCNRCSVTSNRLQGFYPG(MSE)LRLLNGCKENLITANHIRRTNEGYP
PFIGRGNGLDDLYGVVHIAGDNNLISDNLFAYNVPPANIAPAGAQPTQILIAGGDANVVALNHVVSDVASQHVVLDASTT
HSKVLDSGTASQITSYSSDTAIRPTP
;
_entity_poly.pdbx_strand_id   A,B,C
#
loop_
_chem_comp.id
_chem_comp.type
_chem_comp.name
_chem_comp.formula
2PO non-polymer PHOSPHONATE 'H O3 P -2'
#
# COMPACT_ATOMS: atom_id res chain seq x y z
N PRO A 12 -20.90 7.37 22.85
CA PRO A 12 -21.00 6.00 23.39
C PRO A 12 -19.81 5.08 23.08
N ASN A 13 -19.33 4.42 24.14
CA ASN A 13 -18.19 3.52 24.03
C ASN A 13 -16.94 4.24 23.55
N THR A 14 -16.93 5.55 23.69
CA THR A 14 -15.78 6.35 23.26
C THR A 14 -15.23 7.06 24.50
N TYR A 15 -13.93 6.94 24.74
CA TYR A 15 -13.31 7.60 25.89
C TYR A 15 -12.15 8.45 25.38
N ASP A 16 -11.80 9.49 26.15
CA ASP A 16 -10.68 10.36 25.82
C ASP A 16 -9.84 10.15 27.08
N VAL A 17 -8.59 9.72 26.96
CA VAL A 17 -7.83 9.48 28.17
C VAL A 17 -7.70 10.68 29.11
N THR A 18 -7.70 11.90 28.58
CA THR A 18 -7.55 13.08 29.45
C THR A 18 -8.76 13.47 30.31
N THR A 19 -9.97 13.00 30.00
CA THR A 19 -11.15 13.38 30.78
C THR A 19 -11.63 12.32 31.76
N TRP A 20 -11.05 11.14 31.66
CA TRP A 20 -11.47 10.02 32.48
C TRP A 20 -10.77 9.85 33.82
N ARG A 21 -11.49 10.17 34.90
CA ARG A 21 -10.91 10.05 36.25
C ARG A 21 -11.07 8.65 36.82
N ILE A 22 -10.05 8.23 37.57
CA ILE A 22 -10.06 6.93 38.21
C ILE A 22 -10.71 7.20 39.56
N LYS A 23 -11.91 6.64 39.71
CA LYS A 23 -12.73 6.83 40.89
C LYS A 23 -12.01 6.71 42.24
N ALA A 24 -11.19 5.68 42.42
CA ALA A 24 -10.49 5.53 43.69
C ALA A 24 -9.15 6.25 43.68
N HIS A 25 -8.71 6.67 42.50
CA HIS A 25 -7.43 7.38 42.39
C HIS A 25 -7.49 8.60 41.46
N PRO A 26 -8.16 9.67 41.92
CA PRO A 26 -8.36 10.96 41.23
C PRO A 26 -7.17 11.72 40.65
N GLU A 27 -6.02 11.80 41.32
CA GLU A 27 -4.93 12.56 40.69
C GLU A 27 -4.01 11.70 39.82
N VAL A 28 -4.36 10.43 39.63
CA VAL A 28 -3.59 9.54 38.76
C VAL A 28 -4.19 9.77 37.37
N THR A 29 -3.61 10.73 36.65
CA THR A 29 -4.03 11.13 35.31
C THR A 29 -3.28 10.46 34.17
N ALA A 30 -3.68 10.76 32.94
CA ALA A 30 -3.03 10.20 31.78
C ALA A 30 -1.59 10.70 31.76
N GLN A 31 -1.38 11.91 32.26
CA GLN A 31 -0.03 12.49 32.29
C GLN A 31 0.92 11.76 33.25
N SER A 32 0.40 11.33 34.40
CA SER A 32 1.24 10.64 35.38
C SER A 32 1.31 9.12 35.15
N ASP A 33 0.19 8.51 34.76
CA ASP A 33 0.17 7.08 34.46
C ASP A 33 -1.00 6.74 33.55
N ILE A 34 -0.82 6.97 32.26
CA ILE A 34 -1.87 6.67 31.29
C ILE A 34 -2.13 5.17 31.29
N GLY A 35 -1.17 4.41 31.78
CA GLY A 35 -1.32 2.98 31.85
C GLY A 35 -2.45 2.64 32.82
N ALA A 36 -2.41 3.29 33.99
CA ALA A 36 -3.43 3.09 35.01
C ALA A 36 -4.79 3.54 34.49
N VAL A 37 -4.80 4.66 33.77
CA VAL A 37 -6.01 5.23 33.21
C VAL A 37 -6.70 4.30 32.22
N ILE A 38 -5.93 3.75 31.28
CA ILE A 38 -6.49 2.87 30.29
C ILE A 38 -7.00 1.58 30.94
N ASN A 39 -6.27 1.05 31.92
CA ASN A 39 -6.75 -0.15 32.56
C ASN A 39 -8.10 0.10 33.24
N ASP A 40 -8.28 1.28 33.84
CA ASP A 40 -9.55 1.57 34.48
C ASP A 40 -10.63 1.73 33.42
N ILE A 41 -10.28 2.22 32.23
CA ILE A 41 -11.28 2.35 31.18
C ILE A 41 -11.71 0.96 30.72
N ILE A 42 -10.73 0.07 30.51
CA ILE A 42 -11.06 -1.29 30.09
C ILE A 42 -11.92 -1.95 31.15
N ALA A 43 -11.65 -1.65 32.41
CA ALA A 43 -12.43 -2.22 33.51
C ALA A 43 -13.87 -1.72 33.40
N ASP A 44 -14.05 -0.49 32.93
CA ASP A 44 -15.40 0.06 32.80
C ASP A 44 -16.12 -0.57 31.61
N ILE A 45 -15.36 -0.90 30.58
CA ILE A 45 -15.92 -1.51 29.39
C ILE A 45 -16.46 -2.88 29.76
N LYS A 46 -15.63 -3.68 30.42
CA LYS A 46 -16.03 -5.02 30.86
C LYS A 46 -17.19 -4.87 31.83
N GLN A 47 -17.18 -3.78 32.58
CA GLN A 47 -18.23 -3.49 33.55
C GLN A 47 -19.53 -3.56 32.81
N ARG A 48 -19.59 -2.70 31.80
CA ARG A 48 -20.76 -2.52 30.96
C ARG A 48 -21.14 -3.62 29.98
N GLN A 49 -20.16 -4.17 29.25
CA GLN A 49 -20.48 -5.22 28.28
C GLN A 49 -20.21 -6.61 28.86
N THR A 50 -21.21 -7.15 29.54
CA THR A 50 -21.13 -8.46 30.16
C THR A 50 -21.63 -9.63 29.29
N SER A 51 -22.42 -9.30 28.27
CA SER A 51 -23.00 -10.30 27.36
C SER A 51 -22.10 -10.69 26.18
N PRO A 52 -21.79 -11.98 26.03
CA PRO A 52 -20.95 -12.39 24.90
C PRO A 52 -21.59 -11.97 23.58
N ASP A 53 -22.89 -11.73 23.60
CA ASP A 53 -23.61 -11.35 22.39
C ASP A 53 -23.79 -9.83 22.35
N ALA A 54 -23.17 -9.15 23.30
CA ALA A 54 -23.24 -7.70 23.37
C ALA A 54 -21.91 -7.14 23.85
N ARG A 55 -20.86 -7.39 23.06
CA ARG A 55 -19.55 -6.87 23.41
C ARG A 55 -18.85 -6.24 22.20
N PRO A 56 -19.40 -5.09 21.76
CA PRO A 56 -19.04 -4.18 20.66
C PRO A 56 -17.61 -3.68 20.80
N GLY A 57 -17.21 -3.47 22.05
CA GLY A 57 -15.87 -2.99 22.31
C GLY A 57 -15.96 -1.50 22.54
N ALA A 58 -14.88 -0.79 22.27
CA ALA A 58 -14.88 0.65 22.46
C ALA A 58 -13.65 1.28 21.86
N ALA A 59 -13.64 2.59 21.87
CA ALA A 59 -12.53 3.35 21.33
C ALA A 59 -11.97 4.25 22.42
N ILE A 60 -10.66 4.20 22.58
CA ILE A 60 -9.95 5.03 23.55
C ILE A 60 -9.09 5.99 22.75
N ILE A 61 -9.41 7.27 22.86
CA ILE A 61 -8.71 8.33 22.13
C ILE A 61 -7.60 8.96 22.97
N ILE A 62 -6.41 9.11 22.39
CA ILE A 62 -5.32 9.72 23.13
C ILE A 62 -4.93 11.07 22.51
N PRO A 63 -5.42 12.18 23.08
CA PRO A 63 -5.17 13.56 22.65
C PRO A 63 -3.68 13.91 22.49
N PRO A 64 -3.37 14.91 21.66
CA PRO A 64 -1.98 15.31 21.50
C PRO A 64 -1.39 15.60 22.88
N GLY A 65 -0.27 14.98 23.21
CA GLY A 65 0.33 15.24 24.50
C GLY A 65 1.43 14.33 24.98
N ASP A 66 1.99 14.70 26.13
CA ASP A 66 3.07 13.95 26.75
C ASP A 66 2.49 13.14 27.91
N TYR A 67 2.49 11.81 27.78
CA TYR A 67 1.94 10.94 28.81
C TYR A 67 2.95 9.89 29.29
N ASP A 68 3.01 9.68 30.61
CA ASP A 68 3.91 8.69 31.22
C ASP A 68 3.18 7.38 31.46
N LEU A 69 3.78 6.26 31.06
CA LEU A 69 3.15 4.97 31.29
C LEU A 69 4.02 4.16 32.25
N HIS A 70 3.56 4.05 33.50
CA HIS A 70 4.29 3.29 34.50
C HIS A 70 3.63 1.91 34.63
N THR A 71 2.29 1.86 34.53
CA THR A 71 1.54 0.60 34.65
C THR A 71 1.17 -0.08 33.33
N GLN A 72 1.60 -1.34 33.18
CA GLN A 72 1.34 -2.13 31.98
C GLN A 72 -0.15 -2.31 31.71
N VAL A 73 -0.55 -2.09 30.46
CA VAL A 73 -1.95 -2.24 30.08
C VAL A 73 -2.25 -3.62 29.55
N VAL A 74 -3.21 -4.28 30.17
CA VAL A 74 -3.60 -5.62 29.74
C VAL A 74 -4.88 -5.48 28.93
N VAL A 75 -4.77 -5.76 27.64
CA VAL A 75 -5.90 -5.67 26.73
C VAL A 75 -6.50 -7.03 26.52
N ASP A 76 -7.70 -7.20 27.05
CA ASP A 76 -8.41 -8.47 26.93
C ASP A 76 -9.82 -8.34 26.39
N VAL A 77 -10.07 -7.31 25.59
CA VAL A 77 -11.37 -7.18 24.99
C VAL A 77 -11.20 -7.06 23.50
N SER A 78 -12.06 -7.76 22.78
CA SER A 78 -12.04 -7.76 21.35
C SER A 78 -12.60 -6.46 20.81
N TYR A 79 -12.11 -6.10 19.64
CA TYR A 79 -12.55 -4.90 18.95
C TYR A 79 -12.23 -3.61 19.74
N LEU A 80 -11.10 -3.60 20.43
CA LEU A 80 -10.69 -2.41 21.20
C LEU A 80 -9.82 -1.58 20.28
N THR A 81 -10.15 -0.29 20.18
CA THR A 81 -9.41 0.63 19.35
C THR A 81 -8.75 1.70 20.19
N ILE A 82 -7.44 1.81 20.11
CA ILE A 82 -6.73 2.83 20.84
C ILE A 82 -6.08 3.66 19.74
N ALA A 83 -6.53 4.90 19.63
CA ALA A 83 -6.06 5.79 18.59
C ALA A 83 -5.65 7.17 19.07
N GLY A 84 -4.68 7.76 18.36
CA GLY A 84 -4.20 9.08 18.68
C GLY A 84 -4.31 9.95 17.45
N PHE A 85 -3.56 11.05 17.40
CA PHE A 85 -3.62 11.95 16.25
C PHE A 85 -2.28 12.04 15.52
N GLY A 86 -1.32 11.20 15.89
CA GLY A 86 -0.03 11.24 15.23
C GLY A 86 1.00 10.23 15.71
N HIS A 87 1.96 9.93 14.83
CA HIS A 87 3.03 8.98 15.16
C HIS A 87 4.17 9.68 15.89
N GLY A 88 4.20 11.01 15.76
CA GLY A 88 5.20 11.84 16.41
C GLY A 88 6.62 11.32 16.50
N PHE A 89 7.15 10.72 15.44
CA PHE A 89 8.51 10.24 15.54
C PHE A 89 9.51 11.38 15.66
N PHE A 90 10.61 11.07 16.35
CA PHE A 90 11.70 12.00 16.60
C PHE A 90 12.92 11.13 16.87
N SER A 91 14.02 11.46 16.20
CA SER A 91 15.27 10.72 16.30
C SER A 91 16.01 10.94 17.62
N ARG A 92 15.77 10.07 18.60
CA ARG A 92 16.46 10.19 19.87
C ARG A 92 17.94 9.87 19.70
N SER A 93 18.22 9.01 18.72
CA SER A 93 19.59 8.59 18.42
C SER A 93 20.45 9.81 18.10
N ILE A 94 19.97 10.65 17.19
CA ILE A 94 20.73 11.83 16.82
C ILE A 94 20.84 12.81 18.01
N LEU A 95 19.78 12.94 18.79
CA LEU A 95 19.84 13.82 19.97
C LEU A 95 20.94 13.35 20.92
N ASP A 96 20.93 12.05 21.22
CA ASP A 96 21.89 11.43 22.13
C ASP A 96 23.34 11.51 21.69
N ASN A 97 23.55 11.70 20.40
CA ASN A 97 24.90 11.76 19.86
C ASN A 97 25.22 13.14 19.30
N SER A 98 24.41 14.13 19.70
CA SER A 98 24.60 15.51 19.27
C SER A 98 24.64 16.46 20.47
N ASN A 99 24.84 17.74 20.19
CA ASN A 99 24.89 18.78 21.20
C ASN A 99 23.55 19.52 21.21
N PRO A 100 22.66 19.15 22.14
CA PRO A 100 21.32 19.71 22.34
C PRO A 100 21.16 21.23 22.56
N THR A 101 22.25 21.94 22.78
CA THR A 101 22.15 23.39 23.03
C THR A 101 21.33 24.19 22.01
N GLY A 102 20.28 24.82 22.50
CA GLY A 102 19.42 25.63 21.64
C GLY A 102 18.43 24.83 20.82
N TRP A 103 18.43 23.51 21.00
CA TRP A 103 17.50 22.64 20.27
C TRP A 103 16.06 22.98 20.70
N GLN A 104 15.18 23.12 19.71
CA GLN A 104 13.77 23.49 19.96
C GLN A 104 12.87 22.31 20.35
N ASN A 105 13.40 21.10 20.19
CA ASN A 105 12.68 19.87 20.54
C ASN A 105 13.69 18.87 21.08
N LEU A 106 13.34 18.19 22.16
CA LEU A 106 14.22 17.19 22.75
C LEU A 106 13.46 15.88 22.90
N GLN A 107 12.23 15.84 22.41
CA GLN A 107 11.39 14.65 22.54
C GLN A 107 10.29 14.41 21.51
N PRO A 108 9.89 13.15 21.36
CA PRO A 108 8.84 12.67 20.45
C PRO A 108 7.52 13.39 20.76
N GLY A 109 6.68 13.56 19.73
CA GLY A 109 5.42 14.26 19.94
C GLY A 109 4.12 13.56 19.58
N ALA A 110 3.10 14.35 19.24
CA ALA A 110 1.78 13.83 18.90
C ALA A 110 1.24 13.17 20.16
N SER A 111 0.47 12.09 20.00
CA SER A 111 -0.06 11.37 21.16
C SER A 111 1.09 10.49 21.62
N HIS A 112 1.97 11.15 22.37
CA HIS A 112 3.21 10.63 22.91
C HIS A 112 3.13 9.89 24.26
N ILE A 113 3.37 8.58 24.21
CA ILE A 113 3.36 7.79 25.42
C ILE A 113 4.78 7.37 25.73
N ARG A 114 5.25 7.77 26.90
CA ARG A 114 6.59 7.41 27.31
C ARG A 114 6.44 6.19 28.19
N VAL A 115 7.00 5.10 27.67
CA VAL A 115 6.98 3.81 28.30
C VAL A 115 8.02 3.76 29.41
N LEU A 116 7.53 3.73 30.65
CA LEU A 116 8.41 3.70 31.82
C LEU A 116 8.06 2.45 32.62
N THR A 117 8.00 1.33 31.93
CA THR A 117 7.66 0.06 32.55
C THR A 117 8.73 -0.58 33.40
N SER A 118 8.25 -1.38 34.35
CA SER A 118 9.11 -2.10 35.28
C SER A 118 9.44 -3.48 34.71
N PRO A 119 10.59 -4.04 35.08
CA PRO A 119 11.01 -5.36 34.59
C PRO A 119 9.89 -6.44 34.63
N SER A 120 9.13 -6.47 35.72
CA SER A 120 8.06 -7.45 35.91
C SER A 120 6.86 -7.31 34.97
N ALA A 121 6.82 -6.23 34.21
CA ALA A 121 5.73 -5.98 33.26
C ALA A 121 6.28 -5.07 32.16
N PRO A 122 7.21 -5.60 31.35
CA PRO A 122 7.88 -4.92 30.25
C PRO A 122 6.99 -4.13 29.28
N GLN A 123 6.06 -4.86 28.68
CA GLN A 123 5.15 -4.34 27.67
C GLN A 123 4.21 -3.20 28.07
N ALA A 124 4.21 -2.14 27.28
CA ALA A 124 3.33 -1.00 27.54
C ALA A 124 1.93 -1.55 27.39
N PHE A 125 1.74 -2.32 26.32
CA PHE A 125 0.47 -2.94 26.03
C PHE A 125 0.65 -4.44 25.83
N LEU A 126 -0.11 -5.21 26.58
CA LEU A 126 -0.06 -6.67 26.48
C LEU A 126 -1.46 -7.15 26.23
N VAL A 127 -1.66 -7.65 25.01
CA VAL A 127 -2.93 -8.15 24.56
C VAL A 127 -2.99 -9.65 24.75
N LYS A 128 -3.90 -10.10 25.58
CA LYS A 128 -4.02 -11.54 25.82
C LYS A 128 -5.31 -11.88 26.51
N ARG A 129 -5.79 -13.07 26.22
CA ARG A 129 -7.01 -13.53 26.87
C ARG A 129 -7.09 -15.03 26.84
N ALA A 130 -7.61 -15.57 27.93
CA ALA A 130 -7.76 -16.99 28.05
C ALA A 130 -9.17 -17.30 27.59
N GLY A 131 -9.45 -18.58 27.52
CA GLY A 131 -10.75 -19.03 27.12
C GLY A 131 -10.95 -18.94 25.62
N ASP A 132 -12.15 -19.29 25.21
CA ASP A 132 -12.44 -19.23 23.81
C ASP A 132 -13.33 -18.04 23.55
N PRO A 133 -13.19 -17.46 22.37
CA PRO A 133 -13.02 -16.85 21.06
C PRO A 133 -11.64 -16.23 21.10
N ARG A 134 -10.88 -16.37 20.02
CA ARG A 134 -9.59 -15.74 20.04
C ARG A 134 -9.94 -14.30 19.94
N LEU A 135 -9.01 -13.46 20.37
CA LEU A 135 -9.21 -12.03 20.31
C LEU A 135 -9.25 -11.61 18.86
N SER A 136 -10.19 -10.74 18.55
CA SER A 136 -10.36 -10.29 17.19
C SER A 136 -10.66 -8.81 17.06
N GLY A 137 -10.32 -8.29 15.89
CA GLY A 137 -10.55 -6.89 15.57
C GLY A 137 -9.89 -5.79 16.37
N ILE A 138 -8.82 -6.10 17.10
CA ILE A 138 -8.16 -5.04 17.88
C ILE A 138 -7.35 -4.15 16.96
N VAL A 139 -7.47 -2.84 17.19
CA VAL A 139 -6.82 -1.83 16.39
C VAL A 139 -6.00 -0.83 17.23
N PHE A 140 -4.72 -0.67 16.87
CA PHE A 140 -3.81 0.26 17.55
C PHE A 140 -3.42 1.26 16.48
N ARG A 141 -3.75 2.53 16.65
CA ARG A 141 -3.37 3.46 15.60
C ARG A 141 -3.12 4.91 15.94
N ASP A 142 -2.33 5.51 15.06
CA ASP A 142 -1.94 6.90 15.12
C ASP A 142 -1.48 7.49 16.44
N PHE A 143 -0.62 6.78 17.16
CA PHE A 143 -0.06 7.33 18.39
C PHE A 143 1.41 6.92 18.54
N CYS A 144 2.09 7.49 19.53
CA CYS A 144 3.51 7.25 19.73
C CYS A 144 3.98 6.55 20.99
N LEU A 145 4.82 5.52 20.81
CA LEU A 145 5.40 4.76 21.92
C LEU A 145 6.90 5.00 21.94
N ASP A 146 7.36 5.66 23.00
CA ASP A 146 8.76 6.03 23.15
C ASP A 146 9.40 5.43 24.41
N GLY A 147 10.48 4.67 24.20
CA GLY A 147 11.19 4.01 25.29
C GLY A 147 12.11 4.92 26.06
N VAL A 148 12.06 6.20 25.71
CA VAL A 148 12.86 7.24 26.36
C VAL A 148 14.38 7.16 26.24
N GLY A 149 14.97 6.00 26.53
CA GLY A 149 16.42 5.88 26.44
C GLY A 149 16.96 4.48 26.53
N PHE A 150 18.24 4.32 26.15
CA PHE A 150 18.90 3.03 26.19
C PHE A 150 19.79 2.89 27.42
N THR A 151 19.82 1.70 28.01
CA THR A 151 20.55 1.47 29.24
C THR A 151 21.37 0.18 29.31
N PRO A 152 22.65 0.25 29.75
CA PRO A 152 23.70 1.17 30.23
C PRO A 152 24.23 2.19 29.21
N GLY A 153 24.61 1.71 28.03
CA GLY A 153 25.12 2.60 27.00
C GLY A 153 23.97 3.35 26.36
N LYS A 154 24.21 4.61 26.00
CA LYS A 154 23.16 5.41 25.37
C LYS A 154 22.87 4.90 23.96
N ASN A 155 23.78 4.10 23.42
CA ASN A 155 23.62 3.54 22.08
C ASN A 155 23.56 2.02 22.12
N SER A 156 23.07 1.48 23.23
CA SER A 156 22.98 0.03 23.41
C SER A 156 21.80 -0.67 22.74
N TYR A 157 20.72 0.07 22.46
CA TYR A 157 19.52 -0.52 21.87
C TYR A 157 18.99 -1.57 22.84
N HIS A 158 19.19 -1.33 24.12
CA HIS A 158 18.72 -2.24 25.14
C HIS A 158 18.10 -1.47 26.27
N ASN A 159 16.94 -1.92 26.73
CA ASN A 159 16.32 -1.24 27.84
C ASN A 159 15.17 -2.05 28.42
N GLY A 160 15.04 -3.27 27.93
CA GLY A 160 14.02 -4.19 28.41
C GLY A 160 12.56 -3.78 28.25
N LYS A 161 12.29 -2.72 27.50
CA LYS A 161 10.90 -2.29 27.34
C LYS A 161 10.32 -2.77 26.01
N THR A 162 9.03 -3.02 25.98
CA THR A 162 8.37 -3.42 24.74
C THR A 162 7.14 -2.53 24.57
N GLY A 163 6.85 -2.15 23.32
CA GLY A 163 5.74 -1.27 23.04
C GLY A 163 4.38 -1.95 23.05
N ILE A 164 4.15 -2.81 22.08
CA ILE A 164 2.88 -3.52 21.96
C ILE A 164 3.18 -5.00 21.79
N GLU A 165 2.60 -5.83 22.65
CA GLU A 165 2.84 -7.27 22.54
C GLU A 165 1.55 -8.06 22.58
N VAL A 166 1.39 -8.92 21.58
CA VAL A 166 0.20 -9.75 21.47
C VAL A 166 0.63 -11.20 21.76
N ALA A 167 0.31 -11.67 22.96
CA ALA A 167 0.69 -13.00 23.39
C ALA A 167 -0.32 -14.13 23.16
N SER A 168 -1.53 -13.82 22.73
CA SER A 168 -2.53 -14.86 22.50
C SER A 168 -2.90 -14.92 21.03
N ASP A 169 -3.44 -16.06 20.59
CA ASP A 169 -3.81 -16.18 19.19
C ASP A 169 -4.85 -15.12 18.90
N ASN A 170 -4.63 -14.41 17.82
CA ASN A 170 -5.49 -13.29 17.47
C ASN A 170 -5.98 -13.37 16.03
N ASP A 171 -7.06 -12.65 15.73
CA ASP A 171 -7.56 -12.63 14.39
C ASP A 171 -7.98 -11.23 13.95
N SER A 172 -7.55 -10.89 12.76
CA SER A 172 -7.84 -9.61 12.11
C SER A 172 -7.35 -8.39 12.87
N PHE A 173 -6.17 -8.46 13.47
CA PHE A 173 -5.66 -7.30 14.20
C PHE A 173 -5.20 -6.29 13.17
N HIS A 174 -5.21 -5.01 13.54
CA HIS A 174 -4.79 -3.93 12.65
C HIS A 174 -3.91 -2.95 13.42
N ILE A 175 -2.69 -2.77 12.92
CA ILE A 175 -1.72 -1.87 13.54
C ILE A 175 -1.28 -0.85 12.49
N THR A 176 -1.82 0.36 12.53
CA THR A 176 -1.44 1.36 11.54
C THR A 176 -1.14 2.78 12.04
N GLY A 177 -0.42 3.52 11.22
CA GLY A 177 -0.04 4.90 11.51
C GLY A 177 0.72 5.12 12.79
N MSE A 178 1.37 4.08 13.30
CA MSE A 178 2.09 4.19 14.56
C MSE A 178 3.51 4.76 14.50
O MSE A 178 4.14 4.84 13.44
CB MSE A 178 2.15 2.83 15.26
CG MSE A 178 0.77 2.25 15.60
SE MSE A 178 -0.01 3.02 17.17
CE MSE A 178 1.30 2.42 18.44
N GLY A 179 3.99 5.13 15.69
CA GLY A 179 5.32 5.67 15.83
C GLY A 179 5.95 4.97 17.01
N PHE A 180 6.98 4.17 16.75
CA PHE A 180 7.68 3.44 17.79
C PHE A 180 9.10 3.97 17.81
N VAL A 181 9.62 4.28 18.99
CA VAL A 181 10.97 4.78 19.06
C VAL A 181 11.67 4.47 20.38
N TYR A 182 12.94 4.09 20.27
CA TYR A 182 13.80 3.75 21.40
C TYR A 182 13.28 2.65 22.34
N LEU A 183 12.67 1.62 21.75
CA LEU A 183 12.12 0.48 22.50
C LEU A 183 12.95 -0.75 22.19
N GLU A 184 13.24 -1.60 23.18
CA GLU A 184 14.03 -2.77 22.86
C GLU A 184 13.25 -3.66 21.91
N HIS A 185 11.94 -3.67 22.07
CA HIS A 185 11.06 -4.46 21.20
C HIS A 185 9.88 -3.53 20.92
N ALA A 186 9.68 -3.15 19.66
CA ALA A 186 8.59 -2.26 19.33
C ALA A 186 7.27 -3.02 19.35
N LEU A 187 7.14 -3.93 18.39
CA LEU A 187 5.93 -4.72 18.25
C LEU A 187 6.16 -6.23 18.16
N ILE A 188 5.40 -6.99 18.94
CA ILE A 188 5.49 -8.45 18.94
C ILE A 188 4.09 -9.03 18.80
N VAL A 189 3.91 -9.94 17.85
CA VAL A 189 2.60 -10.57 17.64
C VAL A 189 2.72 -12.08 17.36
N ARG A 190 2.31 -12.86 18.35
CA ARG A 190 2.34 -14.31 18.32
C ARG A 190 1.03 -14.87 17.79
N GLY A 191 1.11 -15.88 16.94
CA GLY A 191 -0.09 -16.48 16.37
C GLY A 191 -0.98 -15.52 15.64
N ALA A 192 -0.37 -14.66 14.82
CA ALA A 192 -1.09 -13.67 14.04
C ALA A 192 -1.78 -14.32 12.85
N ASP A 193 -3.05 -13.98 12.66
CA ASP A 193 -3.88 -14.52 11.60
C ASP A 193 -4.63 -13.35 10.97
N ALA A 194 -4.43 -13.14 9.66
CA ALA A 194 -5.06 -12.05 8.92
C ALA A 194 -4.65 -10.71 9.52
N LEU A 195 -3.45 -10.69 10.09
CA LEU A 195 -2.92 -9.49 10.71
C LEU A 195 -2.48 -8.49 9.67
N ARG A 196 -2.54 -7.22 10.04
CA ARG A 196 -2.10 -6.20 9.14
C ARG A 196 -1.32 -5.13 9.88
N VAL A 197 -0.11 -4.93 9.39
CA VAL A 197 0.82 -3.96 9.91
C VAL A 197 1.13 -3.13 8.68
N ASN A 198 0.70 -1.88 8.68
CA ASN A 198 0.89 -1.00 7.53
C ASN A 198 0.92 0.49 7.90
N ASP A 199 1.69 1.26 7.12
CA ASP A 199 1.80 2.70 7.31
C ASP A 199 2.35 3.09 8.69
N ASN A 200 3.36 2.35 9.19
CA ASN A 200 3.95 2.66 10.48
C ASN A 200 5.41 3.09 10.39
N MSE A 201 5.86 3.81 11.42
CA MSE A 201 7.24 4.27 11.54
C MSE A 201 7.82 3.61 12.78
O MSE A 201 7.55 4.04 13.90
CB MSE A 201 7.28 5.78 11.68
CG MSE A 201 8.64 6.36 12.05
SE MSE A 201 9.98 6.05 10.73
CE MSE A 201 9.35 7.26 9.37
N ILE A 202 8.62 2.58 12.54
CA ILE A 202 9.25 1.82 13.62
C ILE A 202 10.76 1.92 13.46
N ALA A 203 11.40 2.78 14.24
CA ALA A 203 12.84 2.92 14.10
C ALA A 203 13.56 3.28 15.38
N GLU A 204 14.86 3.02 15.37
CA GLU A 204 15.70 3.30 16.52
C GLU A 204 15.16 2.46 17.67
N CYS A 205 14.87 1.21 17.32
CA CYS A 205 14.37 0.19 18.25
C CYS A 205 15.30 -1.00 18.15
N GLY A 206 15.40 -1.79 19.21
CA GLY A 206 16.28 -2.94 19.18
C GLY A 206 15.73 -3.92 18.16
N ASN A 207 14.42 -4.12 18.23
CA ASN A 207 13.69 -4.99 17.33
C ASN A 207 12.44 -4.23 16.90
N CYS A 208 12.06 -4.35 15.63
CA CYS A 208 10.89 -3.65 15.14
C CYS A 208 9.60 -4.49 15.12
N VAL A 209 9.51 -5.46 14.21
CA VAL A 209 8.31 -6.30 14.16
C VAL A 209 8.66 -7.78 14.25
N GLU A 210 8.11 -8.44 15.26
CA GLU A 210 8.34 -9.86 15.50
C GLU A 210 7.08 -10.71 15.49
N LEU A 211 6.87 -11.44 14.39
CA LEU A 211 5.70 -12.31 14.26
C LEU A 211 6.15 -13.72 14.63
N THR A 212 6.01 -14.01 15.91
CA THR A 212 6.42 -15.29 16.48
C THR A 212 5.35 -16.38 16.50
N GLY A 213 5.75 -17.55 16.96
CA GLY A 213 4.84 -18.68 17.06
C GLY A 213 4.52 -19.26 15.69
N ALA A 214 3.54 -18.66 15.02
CA ALA A 214 3.12 -19.11 13.70
C ALA A 214 2.16 -18.07 13.15
N GLY A 215 1.87 -18.14 11.86
CA GLY A 215 0.97 -17.16 11.29
C GLY A 215 0.31 -17.54 9.98
N GLN A 216 -0.71 -16.77 9.62
CA GLN A 216 -1.46 -16.97 8.39
C GLN A 216 -1.91 -15.65 7.76
N ALA A 217 -1.93 -15.64 6.43
CA ALA A 217 -2.33 -14.49 5.62
C ALA A 217 -2.15 -13.15 6.30
N THR A 218 -0.91 -12.81 6.60
CA THR A 218 -0.58 -11.55 7.25
C THR A 218 -0.02 -10.61 6.18
N ILE A 219 -0.21 -9.32 6.40
CA ILE A 219 0.28 -8.31 5.47
C ILE A 219 1.08 -7.26 6.20
N VAL A 220 2.30 -7.04 5.73
CA VAL A 220 3.18 -6.03 6.31
C VAL A 220 3.62 -5.17 5.13
N SER A 221 3.02 -4.00 5.01
CA SER A 221 3.33 -3.10 3.91
C SER A 221 3.33 -1.63 4.28
N GLY A 222 3.90 -0.80 3.39
CA GLY A 222 3.96 0.63 3.60
C GLY A 222 4.66 1.11 4.86
N ASN A 223 5.44 0.25 5.50
CA ASN A 223 6.15 0.62 6.71
C ASN A 223 7.58 1.11 6.52
N HIS A 224 8.05 1.88 7.51
CA HIS A 224 9.41 2.44 7.56
C HIS A 224 10.10 1.79 8.77
N MSE A 225 11.06 0.89 8.57
CA MSE A 225 11.71 0.25 9.75
C MSE A 225 13.23 0.29 9.82
O MSE A 225 13.95 0.11 8.82
CB MSE A 225 11.31 -1.23 9.87
CG MSE A 225 9.81 -1.47 9.88
SE MSE A 225 9.46 -3.37 9.97
CE MSE A 225 7.99 -3.46 8.76
N GLY A 226 13.72 0.48 11.04
CA GLY A 226 15.14 0.51 11.34
C GLY A 226 15.29 -0.09 12.73
N ALA A 227 16.06 -1.17 12.83
CA ALA A 227 16.25 -1.86 14.11
C ALA A 227 17.62 -1.68 14.77
N GLY A 228 18.01 -2.67 15.57
CA GLY A 228 19.30 -2.62 16.23
C GLY A 228 20.21 -3.78 15.83
N PRO A 229 21.53 -3.58 15.93
CA PRO A 229 22.59 -4.56 15.60
C PRO A 229 22.32 -5.96 16.15
N ASP A 230 21.74 -6.00 17.35
CA ASP A 230 21.43 -7.26 18.03
C ASP A 230 19.97 -7.64 17.87
N GLY A 231 19.25 -6.88 17.06
CA GLY A 231 17.84 -7.16 16.89
C GLY A 231 17.45 -7.44 15.45
N VAL A 232 16.16 -7.68 15.25
CA VAL A 232 15.65 -7.95 13.93
C VAL A 232 14.77 -6.78 13.52
N THR A 233 14.62 -6.61 12.22
CA THR A 233 13.80 -5.53 11.73
C THR A 233 12.44 -6.22 11.59
N LEU A 234 12.30 -7.11 10.62
CA LEU A 234 11.06 -7.84 10.46
C LEU A 234 11.41 -9.32 10.61
N LEU A 235 10.75 -9.98 11.55
CA LEU A 235 11.00 -11.40 11.81
C LEU A 235 9.69 -12.18 11.75
N ALA A 236 9.71 -13.32 11.07
CA ALA A 236 8.52 -14.14 10.94
C ALA A 236 8.81 -15.60 11.30
N GLU A 237 7.97 -16.18 12.15
CA GLU A 237 8.16 -17.55 12.58
C GLU A 237 7.02 -18.48 12.16
N ASN A 238 7.37 -19.46 11.33
CA ASN A 238 6.41 -20.45 10.85
C ASN A 238 5.14 -19.79 10.33
N HIS A 239 5.33 -18.85 9.40
CA HIS A 239 4.24 -18.14 8.77
C HIS A 239 3.98 -18.73 7.41
N GLU A 240 2.74 -18.60 6.99
CA GLU A 240 2.29 -19.10 5.72
C GLU A 240 1.42 -18.00 5.15
N GLY A 241 1.61 -17.69 3.87
CA GLY A 241 0.84 -16.64 3.24
C GLY A 241 1.23 -15.22 3.61
N LEU A 242 2.41 -15.04 4.17
CA LEU A 242 2.87 -13.70 4.54
C LEU A 242 3.21 -12.89 3.31
N LEU A 243 2.73 -11.65 3.27
CA LEU A 243 3.00 -10.74 2.16
C LEU A 243 3.74 -9.57 2.77
N VAL A 244 4.92 -9.30 2.26
CA VAL A 244 5.70 -8.18 2.75
C VAL A 244 5.99 -7.39 1.48
N THR A 245 5.39 -6.21 1.41
CA THR A 245 5.48 -5.40 0.22
C THR A 245 5.49 -3.88 0.48
N GLY A 246 6.13 -3.15 -0.42
CA GLY A 246 6.18 -1.70 -0.32
C GLY A 246 6.68 -1.13 0.99
N ASN A 247 7.66 -1.78 1.60
CA ASN A 247 8.22 -1.30 2.85
C ASN A 247 9.58 -0.69 2.55
N ASN A 248 9.99 0.25 3.40
CA ASN A 248 11.29 0.87 3.22
C ASN A 248 12.07 0.54 4.49
N LEU A 249 12.87 -0.51 4.40
CA LEU A 249 13.66 -0.98 5.53
C LEU A 249 15.07 -0.44 5.43
N PHE A 250 15.46 0.33 6.43
CA PHE A 250 16.77 0.94 6.45
C PHE A 250 17.62 0.48 7.62
N PRO A 251 18.87 0.93 7.66
CA PRO A 251 19.82 0.57 8.71
C PRO A 251 19.58 0.23 10.17
N ARG A 252 19.68 -0.53 11.41
CA ARG A 252 20.92 -1.47 11.49
C ARG A 252 20.43 -2.60 12.34
N GLY A 253 19.36 -3.19 11.93
CA GLY A 253 19.12 -4.56 12.38
C GLY A 253 20.26 -5.51 12.06
N ARG A 254 20.21 -6.71 12.62
CA ARG A 254 21.25 -7.70 12.34
C ARG A 254 20.83 -8.24 10.97
N SER A 255 19.53 -8.08 10.71
CA SER A 255 18.91 -8.49 9.45
C SER A 255 17.77 -7.51 9.22
N LEU A 256 17.24 -7.48 7.99
CA LEU A 256 16.15 -6.58 7.68
C LEU A 256 14.87 -7.40 7.55
N ILE A 257 15.00 -8.59 6.98
CA ILE A 257 13.88 -9.50 6.83
C ILE A 257 14.40 -10.87 7.16
N GLU A 258 13.74 -11.51 8.12
CA GLU A 258 14.19 -12.81 8.58
C GLU A 258 13.03 -13.77 8.84
N PHE A 259 12.98 -14.80 8.00
CA PHE A 259 11.95 -15.84 8.10
C PHE A 259 12.56 -17.12 8.63
N THR A 260 11.94 -17.73 9.63
CA THR A 260 12.44 -19.03 10.04
C THR A 260 11.31 -20.01 9.82
N GLY A 261 11.55 -20.95 8.91
CA GLY A 261 10.57 -21.97 8.59
C GLY A 261 9.24 -21.47 8.08
N CYS A 262 9.22 -20.35 7.34
CA CYS A 262 7.96 -19.86 6.81
C CYS A 262 7.81 -20.52 5.44
N ASN A 263 6.56 -20.78 5.03
CA ASN A 263 6.33 -21.40 3.73
C ASN A 263 5.36 -20.59 2.90
N ARG A 264 5.58 -20.58 1.59
CA ARG A 264 4.73 -19.86 0.66
C ARG A 264 4.49 -18.40 1.01
N CYS A 265 5.53 -17.68 1.41
CA CYS A 265 5.36 -16.27 1.73
C CYS A 265 5.94 -15.48 0.58
N SER A 266 5.70 -14.17 0.57
CA SER A 266 6.22 -13.35 -0.52
C SER A 266 6.80 -12.03 -0.05
N VAL A 267 7.97 -11.69 -0.59
CA VAL A 267 8.62 -10.44 -0.26
C VAL A 267 8.88 -9.75 -1.59
N THR A 268 8.01 -8.78 -1.88
CA THR A 268 8.05 -8.06 -3.15
C THR A 268 7.94 -6.54 -3.05
N SER A 269 8.53 -5.86 -4.02
CA SER A 269 8.46 -4.39 -4.09
C SER A 269 8.89 -3.70 -2.80
N ASN A 270 10.09 -4.02 -2.33
CA ASN A 270 10.61 -3.43 -1.10
C ASN A 270 11.94 -2.74 -1.33
N ARG A 271 12.29 -1.86 -0.41
CA ARG A 271 13.55 -1.13 -0.44
C ARG A 271 14.31 -1.53 0.79
N LEU A 272 15.43 -2.25 0.59
CA LEU A 272 16.24 -2.69 1.71
C LEU A 272 17.62 -2.06 1.71
N GLN A 273 18.05 -1.60 2.88
CA GLN A 273 19.37 -0.99 3.06
C GLN A 273 19.97 -1.44 4.38
N GLY A 274 21.08 -2.16 4.30
CA GLY A 274 21.74 -2.63 5.50
C GLY A 274 23.22 -2.33 5.52
N PHE A 275 23.84 -2.45 6.69
CA PHE A 275 25.27 -2.22 6.85
C PHE A 275 25.98 -3.53 7.15
N TYR A 276 25.23 -4.62 7.17
CA TYR A 276 25.82 -5.90 7.49
C TYR A 276 25.34 -7.06 6.64
N PRO A 277 26.10 -8.16 6.71
CA PRO A 277 25.84 -9.43 6.02
C PRO A 277 24.47 -9.96 6.45
N GLY A 278 23.82 -10.69 5.53
CA GLY A 278 22.52 -11.27 5.83
C GLY A 278 21.36 -10.31 6.12
N MSE A 279 21.04 -9.46 5.17
CA MSE A 279 19.94 -8.49 5.32
C MSE A 279 18.60 -9.20 5.11
O MSE A 279 17.59 -8.85 5.72
CB MSE A 279 20.09 -7.34 4.32
CG MSE A 279 21.31 -6.47 4.55
SE MSE A 279 21.82 -5.38 3.04
CE MSE A 279 20.09 -4.79 2.44
N LEU A 280 18.62 -10.21 4.24
CA LEU A 280 17.44 -10.98 3.90
C LEU A 280 17.77 -12.44 4.21
N ARG A 281 17.09 -13.01 5.21
CA ARG A 281 17.39 -14.39 5.60
C ARG A 281 16.21 -15.38 5.60
N LEU A 282 16.43 -16.50 4.93
CA LEU A 282 15.45 -17.57 4.86
C LEU A 282 16.12 -18.76 5.53
N LEU A 283 15.81 -18.91 6.81
CA LEU A 283 16.40 -19.92 7.68
C LEU A 283 15.53 -21.10 8.06
N ASN A 284 16.19 -22.11 8.60
CA ASN A 284 15.56 -23.31 9.08
C ASN A 284 14.46 -23.83 8.15
N GLY A 285 14.88 -24.17 6.93
CA GLY A 285 13.99 -24.71 5.93
C GLY A 285 12.76 -23.93 5.53
N CYS A 286 12.95 -22.76 4.92
CA CYS A 286 11.81 -21.99 4.45
C CYS A 286 11.55 -22.57 3.06
N LYS A 287 10.29 -22.87 2.77
CA LYS A 287 9.96 -23.46 1.47
C LYS A 287 9.03 -22.63 0.60
N GLU A 288 9.20 -22.77 -0.70
CA GLU A 288 8.34 -22.12 -1.69
C GLU A 288 8.02 -20.63 -1.53
N ASN A 289 9.02 -19.81 -1.26
CA ASN A 289 8.82 -18.39 -1.08
C ASN A 289 9.30 -17.58 -2.27
N LEU A 290 8.65 -16.44 -2.48
CA LEU A 290 8.96 -15.54 -3.57
C LEU A 290 9.60 -14.25 -3.08
N ILE A 291 10.83 -14.02 -3.51
CA ILE A 291 11.58 -12.82 -3.15
C ILE A 291 11.86 -12.17 -4.49
N THR A 292 11.09 -11.15 -4.83
CA THR A 292 11.25 -10.53 -6.12
C THR A 292 10.93 -9.04 -6.15
N ALA A 293 11.49 -8.34 -7.12
CA ALA A 293 11.25 -6.91 -7.29
C ALA A 293 11.66 -6.06 -6.09
N ASN A 294 12.76 -6.44 -5.43
CA ASN A 294 13.24 -5.69 -4.28
C ASN A 294 14.57 -5.03 -4.59
N HIS A 295 14.81 -3.87 -3.99
CA HIS A 295 16.09 -3.19 -4.17
C HIS A 295 16.89 -3.47 -2.92
N ILE A 296 17.99 -4.18 -3.10
CA ILE A 296 18.84 -4.58 -1.99
C ILE A 296 20.18 -3.87 -2.03
N ARG A 297 20.39 -2.98 -1.06
CA ARG A 297 21.61 -2.20 -0.97
C ARG A 297 22.38 -2.42 0.32
N ARG A 298 23.56 -2.99 0.17
CA ARG A 298 24.44 -3.26 1.29
C ARG A 298 25.58 -2.26 1.22
N THR A 299 25.93 -1.65 2.35
CA THR A 299 27.02 -0.70 2.37
C THR A 299 27.61 -0.70 3.77
N ASN A 300 28.53 0.22 4.03
CA ASN A 300 29.18 0.27 5.33
C ASN A 300 28.53 1.31 6.23
N GLU A 301 28.56 1.04 7.54
CA GLU A 301 28.01 1.93 8.55
C GLU A 301 28.63 3.32 8.41
N GLY A 302 27.80 4.35 8.32
CA GLY A 302 28.31 5.70 8.14
C GLY A 302 28.20 6.67 9.31
N TYR A 303 27.47 6.30 10.36
CA TYR A 303 27.32 7.17 11.52
C TYR A 303 28.30 6.74 12.61
N PRO A 304 29.35 7.54 12.85
CA PRO A 304 30.42 7.35 13.83
C PRO A 304 30.11 6.61 15.15
N PRO A 305 29.09 7.05 15.90
CA PRO A 305 28.76 6.38 17.15
C PRO A 305 28.69 4.86 17.01
N PHE A 306 28.30 4.41 15.84
CA PHE A 306 28.14 2.98 15.55
C PHE A 306 29.19 2.38 14.65
N ILE A 307 30.17 3.19 14.24
CA ILE A 307 31.18 2.61 13.38
C ILE A 307 31.94 1.59 14.19
N GLY A 308 32.24 0.47 13.54
CA GLY A 308 32.99 -0.59 14.20
C GLY A 308 32.11 -1.68 14.79
N ARG A 309 30.79 -1.52 14.76
CA ARG A 309 29.91 -2.55 15.33
C ARG A 309 29.38 -3.43 14.21
N GLY A 310 29.19 -4.71 14.51
CA GLY A 310 28.70 -5.63 13.49
C GLY A 310 27.61 -6.56 13.95
N ASN A 311 27.33 -7.58 13.15
CA ASN A 311 26.30 -8.55 13.50
C ASN A 311 26.92 -9.94 13.62
N GLY A 312 28.25 -9.96 13.63
CA GLY A 312 28.98 -11.21 13.78
C GLY A 312 29.05 -12.11 12.56
N LEU A 313 28.50 -11.64 11.44
CA LEU A 313 28.53 -12.43 10.23
C LEU A 313 29.56 -11.89 9.26
N ASP A 314 30.12 -12.78 8.43
CA ASP A 314 31.11 -12.32 7.46
C ASP A 314 30.44 -12.19 6.09
N ASP A 315 31.18 -11.67 5.13
CA ASP A 315 30.64 -11.46 3.78
C ASP A 315 30.43 -12.69 2.94
N LEU A 316 30.67 -13.87 3.52
CA LEU A 316 30.44 -15.09 2.76
C LEU A 316 29.08 -15.65 3.18
N TYR A 317 28.42 -14.98 4.12
CA TYR A 317 27.09 -15.38 4.60
C TYR A 317 26.13 -14.99 3.48
N GLY A 318 26.47 -13.92 2.76
CA GLY A 318 25.63 -13.45 1.67
C GLY A 318 24.67 -12.37 2.11
N VAL A 319 24.41 -11.40 1.23
CA VAL A 319 23.47 -10.33 1.55
C VAL A 319 22.11 -10.99 1.68
N VAL A 320 21.89 -11.99 0.83
CA VAL A 320 20.65 -12.76 0.84
C VAL A 320 21.05 -14.20 1.12
N HIS A 321 20.52 -14.71 2.22
CA HIS A 321 20.82 -16.05 2.67
C HIS A 321 19.59 -16.95 2.63
N ILE A 322 19.67 -18.03 1.85
CA ILE A 322 18.55 -18.95 1.70
C ILE A 322 18.86 -20.39 2.10
N ALA A 323 18.05 -20.93 3.00
CA ALA A 323 18.18 -22.29 3.47
C ALA A 323 16.76 -22.82 3.40
N GLY A 324 16.46 -23.58 2.36
CA GLY A 324 15.13 -24.13 2.18
C GLY A 324 14.99 -24.60 0.75
N ASP A 325 13.78 -25.01 0.36
CA ASP A 325 13.57 -25.50 -1.00
C ASP A 325 12.58 -24.67 -1.81
N ASN A 326 12.68 -24.82 -3.12
CA ASN A 326 11.80 -24.19 -4.09
C ASN A 326 11.48 -22.71 -3.95
N ASN A 327 12.44 -21.93 -3.48
CA ASN A 327 12.24 -20.49 -3.34
C ASN A 327 12.69 -19.81 -4.64
N LEU A 328 11.98 -18.75 -5.02
CA LEU A 328 12.31 -18.02 -6.24
C LEU A 328 12.79 -16.60 -5.94
N ILE A 329 14.09 -16.38 -6.13
CA ILE A 329 14.70 -15.08 -5.89
C ILE A 329 14.99 -14.50 -7.27
N SER A 330 14.19 -13.51 -7.69
CA SER A 330 14.38 -12.93 -9.00
C SER A 330 14.01 -11.47 -9.12
N ASP A 331 14.37 -10.88 -10.25
CA ASP A 331 14.08 -9.49 -10.55
C ASP A 331 14.43 -8.55 -9.40
N ASN A 332 15.59 -8.75 -8.79
CA ASN A 332 16.07 -7.93 -7.67
C ASN A 332 17.32 -7.16 -8.12
N LEU A 333 17.54 -5.98 -7.55
CA LEU A 333 18.73 -5.19 -7.88
C LEU A 333 19.64 -5.09 -6.65
N PHE A 334 20.85 -5.60 -6.78
CA PHE A 334 21.82 -5.57 -5.69
C PHE A 334 22.88 -4.48 -5.87
N ALA A 335 22.92 -3.53 -4.94
CA ALA A 335 23.90 -2.45 -4.98
C ALA A 335 24.79 -2.62 -3.75
N TYR A 336 26.00 -3.12 -3.98
CA TYR A 336 26.93 -3.39 -2.90
C TYR A 336 28.17 -2.49 -2.93
N ASN A 337 28.31 -1.65 -1.91
CA ASN A 337 29.44 -0.74 -1.79
C ASN A 337 30.06 -0.89 -0.42
N VAL A 338 31.12 -1.68 -0.35
CA VAL A 338 31.80 -1.93 0.92
C VAL A 338 33.32 -1.92 0.75
N PRO A 339 34.01 -1.10 1.55
CA PRO A 339 35.47 -0.97 1.54
C PRO A 339 36.18 -2.32 1.58
N PRO A 340 37.14 -2.56 0.68
CA PRO A 340 37.85 -3.84 0.68
C PRO A 340 38.25 -4.24 2.10
N ALA A 341 38.68 -3.24 2.87
CA ALA A 341 39.13 -3.43 4.23
C ALA A 341 38.04 -3.77 5.25
N ASN A 342 36.78 -3.62 4.87
CA ASN A 342 35.73 -3.94 5.82
C ASN A 342 35.18 -5.31 5.49
N ILE A 343 35.68 -5.86 4.40
CA ILE A 343 35.24 -7.17 3.94
C ILE A 343 35.86 -8.34 4.70
N ALA A 344 34.96 -9.16 5.22
CA ALA A 344 35.27 -10.33 6.01
C ALA A 344 35.06 -11.62 5.21
N PRO A 345 36.09 -12.44 5.03
CA PRO A 345 37.51 -12.50 5.39
C PRO A 345 38.41 -11.74 4.40
N ALA A 346 39.50 -11.18 4.91
CA ALA A 346 40.41 -10.43 4.08
C ALA A 346 40.70 -11.23 2.83
N GLY A 347 40.57 -10.57 1.68
CA GLY A 347 40.82 -11.22 0.43
C GLY A 347 39.58 -11.82 -0.17
N ALA A 348 38.57 -12.11 0.64
CA ALA A 348 37.39 -12.75 0.07
C ALA A 348 36.48 -11.87 -0.79
N GLN A 349 35.79 -12.57 -1.69
CA GLN A 349 34.84 -11.96 -2.59
C GLN A 349 33.48 -12.02 -1.92
N PRO A 350 32.83 -10.86 -1.79
CA PRO A 350 31.51 -10.75 -1.17
C PRO A 350 30.49 -11.59 -1.95
N THR A 351 29.61 -12.26 -1.21
CA THR A 351 28.57 -13.09 -1.83
C THR A 351 27.24 -12.36 -1.79
N GLN A 352 26.65 -12.12 -2.95
CA GLN A 352 25.37 -11.44 -2.99
C GLN A 352 24.28 -12.42 -2.56
N ILE A 353 24.19 -13.54 -3.27
CA ILE A 353 23.17 -14.53 -2.95
C ILE A 353 23.77 -15.88 -2.60
N LEU A 354 23.51 -16.34 -1.37
CA LEU A 354 24.01 -17.63 -0.92
C LEU A 354 22.86 -18.60 -0.70
N ILE A 355 22.94 -19.70 -1.42
CA ILE A 355 21.95 -20.75 -1.34
C ILE A 355 22.65 -21.80 -0.45
N ALA A 356 22.46 -21.61 0.84
CA ALA A 356 23.06 -22.44 1.90
C ALA A 356 22.77 -23.93 1.84
N GLY A 357 21.53 -24.26 1.54
CA GLY A 357 21.15 -25.65 1.44
C GLY A 357 19.76 -25.65 0.86
N GLY A 358 19.33 -26.80 0.39
CA GLY A 358 18.00 -26.83 -0.17
C GLY A 358 17.96 -27.36 -1.57
N ASP A 359 16.76 -27.71 -1.98
CA ASP A 359 16.50 -28.29 -3.26
C ASP A 359 15.62 -27.43 -4.15
N ALA A 360 15.98 -27.42 -5.43
CA ALA A 360 15.20 -26.70 -6.44
C ALA A 360 15.13 -25.18 -6.39
N ASN A 361 15.99 -24.52 -5.64
CA ASN A 361 15.90 -23.08 -5.62
C ASN A 361 16.20 -22.52 -7.00
N VAL A 362 15.57 -21.39 -7.30
CA VAL A 362 15.73 -20.75 -8.60
C VAL A 362 16.10 -19.29 -8.45
N VAL A 363 17.22 -18.91 -9.07
CA VAL A 363 17.71 -17.55 -9.01
C VAL A 363 17.81 -16.99 -10.42
N ALA A 364 16.92 -16.05 -10.75
CA ALA A 364 16.89 -15.46 -12.07
C ALA A 364 16.79 -13.93 -12.10
N LEU A 365 17.36 -13.35 -13.15
CA LEU A 365 17.38 -11.90 -13.37
C LEU A 365 17.62 -11.07 -12.12
N ASN A 366 18.84 -11.18 -11.59
CA ASN A 366 19.27 -10.44 -10.41
C ASN A 366 20.49 -9.63 -10.83
N HIS A 367 20.32 -8.31 -10.88
CA HIS A 367 21.41 -7.43 -11.26
C HIS A 367 22.27 -7.03 -10.07
N VAL A 368 23.58 -7.23 -10.22
CA VAL A 368 24.52 -6.91 -9.17
C VAL A 368 25.44 -5.77 -9.59
N VAL A 369 25.66 -4.84 -8.66
CA VAL A 369 26.52 -3.71 -8.88
C VAL A 369 27.38 -3.64 -7.64
N SER A 370 28.68 -3.77 -7.80
CA SER A 370 29.54 -3.69 -6.65
C SER A 370 30.88 -3.10 -6.99
N ASP A 371 31.48 -2.50 -5.97
CA ASP A 371 32.77 -1.84 -6.11
C ASP A 371 33.90 -2.86 -6.18
N VAL A 372 33.62 -4.10 -5.78
CA VAL A 372 34.65 -5.11 -5.81
C VAL A 372 34.20 -6.35 -6.55
N ALA A 373 35.15 -7.25 -6.79
CA ALA A 373 34.85 -8.50 -7.47
C ALA A 373 33.95 -9.21 -6.47
N SER A 374 32.81 -9.70 -6.92
CA SER A 374 31.88 -10.38 -6.03
C SER A 374 31.24 -11.60 -6.67
N GLN A 375 30.90 -12.58 -5.86
CA GLN A 375 30.25 -13.77 -6.40
C GLN A 375 28.76 -13.46 -6.25
N HIS A 376 28.11 -13.22 -7.39
CA HIS A 376 26.70 -12.89 -7.43
C HIS A 376 25.86 -13.99 -6.80
N VAL A 377 26.20 -15.23 -7.12
CA VAL A 377 25.46 -16.34 -6.60
C VAL A 377 26.39 -17.47 -6.20
N VAL A 378 26.15 -18.03 -5.03
CA VAL A 378 26.96 -19.14 -4.56
C VAL A 378 26.00 -20.22 -4.11
N LEU A 379 26.20 -21.41 -4.67
CA LEU A 379 25.38 -22.55 -4.31
C LEU A 379 26.30 -23.46 -3.52
N ASP A 380 25.96 -23.63 -2.25
CA ASP A 380 26.73 -24.45 -1.35
C ASP A 380 26.63 -25.93 -1.71
N ALA A 381 27.64 -26.70 -1.31
CA ALA A 381 27.71 -28.13 -1.63
C ALA A 381 26.52 -28.97 -1.15
N SER A 382 25.69 -28.40 -0.29
CA SER A 382 24.53 -29.12 0.23
C SER A 382 23.38 -29.01 -0.75
N THR A 383 23.38 -27.94 -1.55
CA THR A 383 22.33 -27.71 -2.52
C THR A 383 22.21 -28.75 -3.63
N THR A 384 20.99 -28.87 -4.14
CA THR A 384 20.72 -29.78 -5.23
C THR A 384 19.69 -29.18 -6.17
N HIS A 385 19.88 -29.49 -7.45
CA HIS A 385 19.00 -29.06 -8.52
C HIS A 385 18.63 -27.57 -8.59
N SER A 386 19.57 -26.70 -8.22
CA SER A 386 19.38 -25.25 -8.24
C SER A 386 19.38 -24.75 -9.69
N LYS A 387 18.81 -23.56 -9.92
CA LYS A 387 18.76 -22.98 -11.26
C LYS A 387 19.20 -21.52 -11.20
N VAL A 388 20.23 -21.16 -11.95
CA VAL A 388 20.69 -19.78 -11.97
C VAL A 388 20.64 -19.25 -13.39
N LEU A 389 19.76 -18.28 -13.60
CA LEU A 389 19.56 -17.67 -14.91
C LEU A 389 19.77 -16.18 -14.88
N ASP A 390 20.57 -15.69 -15.84
CA ASP A 390 20.80 -14.26 -15.96
C ASP A 390 21.03 -13.53 -14.65
N SER A 391 21.92 -14.07 -13.82
CA SER A 391 22.24 -13.45 -12.54
C SER A 391 23.75 -13.29 -12.41
N GLY A 392 24.44 -13.28 -13.54
CA GLY A 392 25.89 -13.13 -13.52
C GLY A 392 26.61 -13.96 -14.55
N THR A 393 27.87 -13.62 -14.81
CA THR A 393 28.67 -14.35 -15.78
C THR A 393 29.12 -15.62 -15.06
N ALA A 394 29.63 -16.58 -15.81
CA ALA A 394 30.09 -17.82 -15.21
C ALA A 394 31.11 -17.61 -14.10
N SER A 395 31.95 -16.58 -14.21
CA SER A 395 32.95 -16.36 -13.18
C SER A 395 32.44 -15.54 -12.01
N GLN A 396 31.18 -15.12 -12.08
CA GLN A 396 30.57 -14.36 -11.00
C GLN A 396 29.62 -15.31 -10.28
N ILE A 397 29.66 -16.58 -10.69
CA ILE A 397 28.81 -17.63 -10.10
C ILE A 397 29.61 -18.85 -9.63
N THR A 398 29.44 -19.21 -8.36
CA THR A 398 30.13 -20.39 -7.81
C THR A 398 29.12 -21.47 -7.47
N SER A 399 29.29 -22.64 -8.05
CA SER A 399 28.40 -23.76 -7.78
C SER A 399 29.23 -24.90 -7.21
N TYR A 400 28.96 -25.28 -5.97
CA TYR A 400 29.69 -26.38 -5.33
C TYR A 400 28.90 -27.64 -5.47
N SER A 401 27.87 -27.58 -6.30
CA SER A 401 27.06 -28.75 -6.52
C SER A 401 27.39 -29.15 -7.94
N SER A 402 26.76 -30.21 -8.44
CA SER A 402 27.05 -30.63 -9.78
C SER A 402 25.80 -30.76 -10.63
N ASP A 403 24.64 -30.62 -10.00
CA ASP A 403 23.40 -30.70 -10.76
C ASP A 403 22.85 -29.30 -10.97
N THR A 404 23.68 -28.29 -10.72
CA THR A 404 23.23 -26.93 -10.91
C THR A 404 23.19 -26.60 -12.38
N ALA A 405 22.09 -25.98 -12.80
CA ALA A 405 21.93 -25.57 -14.18
C ALA A 405 22.13 -24.06 -14.18
N ILE A 406 23.12 -23.60 -14.93
CA ILE A 406 23.43 -22.17 -14.98
C ILE A 406 23.38 -21.61 -16.39
N ARG A 407 22.82 -20.41 -16.54
CA ARG A 407 22.77 -19.73 -17.83
C ARG A 407 23.36 -18.34 -17.67
N PRO A 408 24.54 -18.11 -18.26
CA PRO A 408 25.22 -16.82 -18.19
C PRO A 408 24.40 -15.60 -18.61
N THR A 409 24.71 -14.46 -17.99
CA THR A 409 24.07 -13.23 -18.40
C THR A 409 25.04 -13.09 -19.57
N PRO A 410 24.55 -13.03 -20.81
CA PRO A 410 25.49 -12.90 -21.93
C PRO A 410 26.63 -11.92 -21.73
N PRO B 12 -19.75 21.41 12.92
CA PRO B 12 -20.52 21.64 11.67
C PRO B 12 -20.44 20.51 10.64
N ASN B 13 -21.61 20.15 10.10
CA ASN B 13 -21.74 19.10 9.11
C ASN B 13 -21.21 17.77 9.64
N THR B 14 -21.14 17.64 10.96
CA THR B 14 -20.65 16.41 11.57
C THR B 14 -21.78 15.86 12.43
N TYR B 15 -22.16 14.61 12.21
CA TYR B 15 -23.22 13.98 13.01
C TYR B 15 -22.66 12.72 13.65
N ASP B 16 -23.28 12.29 14.74
CA ASP B 16 -22.90 11.07 15.45
C ASP B 16 -24.23 10.32 15.39
N VAL B 17 -24.25 9.09 14.87
CA VAL B 17 -25.55 8.43 14.79
C VAL B 17 -26.30 8.28 16.11
N THR B 18 -25.60 8.12 17.22
CA THR B 18 -26.28 7.93 18.51
C THR B 18 -26.97 9.17 19.14
N THR B 19 -26.59 10.38 18.74
CA THR B 19 -27.17 11.59 19.33
C THR B 19 -28.31 12.20 18.52
N TRP B 20 -28.46 11.74 17.29
CA TRP B 20 -29.44 12.30 16.40
C TRP B 20 -30.84 11.69 16.44
N ARG B 21 -31.81 12.51 16.87
CA ARG B 21 -33.19 12.05 16.96
C ARG B 21 -34.00 12.35 15.71
N ILE B 22 -34.83 11.40 15.34
CA ILE B 22 -35.70 11.56 14.18
C ILE B 22 -36.94 12.22 14.74
N LYS B 23 -37.10 13.48 14.36
CA LYS B 23 -38.19 14.31 14.85
C LYS B 23 -39.59 13.70 14.80
N ALA B 24 -39.94 13.01 13.72
CA ALA B 24 -41.27 12.41 13.62
C ALA B 24 -41.29 11.02 14.26
N HIS B 25 -40.11 10.43 14.48
CA HIS B 25 -40.03 9.12 15.09
C HIS B 25 -38.90 8.98 16.12
N PRO B 26 -39.10 9.57 17.31
CA PRO B 26 -38.19 9.59 18.45
C PRO B 26 -37.60 8.28 19.01
N GLU B 27 -38.36 7.19 19.12
CA GLU B 27 -37.71 6.01 19.67
C GLU B 27 -37.04 5.13 18.60
N VAL B 28 -37.00 5.61 17.36
CA VAL B 28 -36.33 4.89 16.28
C VAL B 28 -34.87 5.37 16.36
N THR B 29 -34.07 4.63 17.10
CA THR B 29 -32.65 4.91 17.33
C THR B 29 -31.69 4.18 16.41
N ALA B 30 -30.40 4.52 16.53
CA ALA B 30 -29.39 3.88 15.71
C ALA B 30 -29.38 2.39 16.05
N GLN B 31 -29.67 2.06 17.32
CA GLN B 31 -29.68 0.66 17.75
C GLN B 31 -30.81 -0.14 17.11
N SER B 32 -31.98 0.46 16.96
CA SER B 32 -33.11 -0.24 16.37
C SER B 32 -33.13 -0.18 14.84
N ASP B 33 -32.81 0.98 14.27
CA ASP B 33 -32.75 1.13 12.81
C ASP B 33 -31.83 2.28 12.43
N ILE B 34 -30.53 1.99 12.42
CA ILE B 34 -29.54 3.00 12.05
C ILE B 34 -29.77 3.43 10.61
N GLY B 35 -30.45 2.56 9.86
CA GLY B 35 -30.74 2.88 8.48
C GLY B 35 -31.65 4.08 8.43
N ALA B 36 -32.72 4.04 9.22
CA ALA B 36 -33.67 5.14 9.29
C ALA B 36 -32.99 6.42 9.75
N VAL B 37 -32.11 6.27 10.74
CA VAL B 37 -31.35 7.39 11.30
C VAL B 37 -30.49 8.09 10.27
N ILE B 38 -29.71 7.32 9.52
CA ILE B 38 -28.85 7.91 8.52
C ILE B 38 -29.67 8.56 7.40
N ASN B 39 -30.77 7.95 7.02
CA ASN B 39 -31.58 8.58 5.97
C ASN B 39 -32.11 9.92 6.46
N ASP B 40 -32.48 10.02 7.74
CA ASP B 40 -32.98 11.29 8.25
C ASP B 40 -31.84 12.30 8.33
N ILE B 41 -30.61 11.83 8.50
CA ILE B 41 -29.48 12.76 8.55
C ILE B 41 -29.22 13.30 7.16
N ILE B 42 -29.22 12.42 6.16
CA ILE B 42 -28.99 12.86 4.79
C ILE B 42 -30.08 13.85 4.40
N ALA B 43 -31.29 13.62 4.89
CA ALA B 43 -32.39 14.52 4.58
C ALA B 43 -32.10 15.90 5.19
N ASP B 44 -31.44 15.92 6.35
CA ASP B 44 -31.13 17.21 6.98
C ASP B 44 -29.99 17.91 6.24
N ILE B 45 -29.11 17.12 5.63
CA ILE B 45 -27.99 17.67 4.88
C ILE B 45 -28.54 18.35 3.64
N LYS B 46 -29.42 17.66 2.92
CA LYS B 46 -30.03 18.21 1.72
C LYS B 46 -30.92 19.38 2.13
N GLN B 47 -31.43 19.32 3.35
CA GLN B 47 -32.27 20.37 3.91
C GLN B 47 -31.48 21.65 3.82
N ARG B 48 -30.31 21.56 4.41
CA ARG B 48 -29.38 22.67 4.55
C ARG B 48 -28.57 23.08 3.32
N GLN B 49 -27.95 22.13 2.62
CA GLN B 49 -27.16 22.49 1.45
C GLN B 49 -27.97 22.37 0.17
N THR B 50 -28.68 23.45 -0.15
CA THR B 50 -29.54 23.50 -1.33
C THR B 50 -28.86 24.09 -2.57
N SER B 51 -27.71 24.73 -2.38
CA SER B 51 -26.98 25.35 -3.48
C SER B 51 -25.91 24.45 -4.11
N PRO B 52 -26.01 24.22 -5.44
CA PRO B 52 -25.00 23.39 -6.10
C PRO B 52 -23.59 23.93 -5.87
N ASP B 53 -23.50 25.21 -5.50
CA ASP B 53 -22.22 25.84 -5.28
C ASP B 53 -21.86 25.82 -3.80
N ALA B 54 -22.76 25.25 -3.00
CA ALA B 54 -22.55 25.14 -1.56
C ALA B 54 -23.04 23.79 -1.07
N ARG B 55 -22.38 22.74 -1.54
CA ARG B 55 -22.73 21.39 -1.09
C ARG B 55 -21.49 20.56 -0.75
N PRO B 56 -20.82 20.97 0.35
CA PRO B 56 -19.62 20.45 1.00
C PRO B 56 -19.79 19.00 1.42
N GLY B 57 -21.02 18.67 1.80
CA GLY B 57 -21.33 17.33 2.24
C GLY B 57 -21.27 17.30 3.74
N ALA B 58 -20.96 16.14 4.31
CA ALA B 58 -20.89 16.03 5.75
C ALA B 58 -20.28 14.72 6.16
N ALA B 59 -20.12 14.57 7.47
CA ALA B 59 -19.55 13.36 8.03
C ALA B 59 -20.54 12.79 9.03
N ILE B 60 -20.73 11.48 8.94
CA ILE B 60 -21.61 10.76 9.84
C ILE B 60 -20.72 9.74 10.56
N ILE B 61 -20.57 9.94 11.86
CA ILE B 61 -19.74 9.10 12.71
C ILE B 61 -20.54 7.97 13.35
N ILE B 62 -20.03 6.75 13.30
CA ILE B 62 -20.74 5.63 13.93
C ILE B 62 -19.95 5.10 15.12
N PRO B 63 -20.34 5.50 16.34
CA PRO B 63 -19.73 5.11 17.62
C PRO B 63 -19.62 3.59 17.82
N PRO B 64 -18.63 3.15 18.63
CA PRO B 64 -18.50 1.72 18.86
C PRO B 64 -19.84 1.17 19.35
N GLY B 65 -20.34 0.13 18.70
CA GLY B 65 -21.60 -0.43 19.14
C GLY B 65 -22.30 -1.40 18.22
N ASP B 66 -23.43 -1.91 18.71
CA ASP B 66 -24.26 -2.86 17.98
C ASP B 66 -25.47 -2.11 17.44
N TYR B 67 -25.59 -2.04 16.11
CA TYR B 67 -26.70 -1.34 15.47
C TYR B 67 -27.41 -2.21 14.42
N ASP B 68 -28.75 -2.21 14.47
CA ASP B 68 -29.57 -2.96 13.52
C ASP B 68 -29.99 -2.09 12.35
N LEU B 69 -29.80 -2.57 11.12
CA LEU B 69 -30.20 -1.80 9.95
C LEU B 69 -31.33 -2.55 9.25
N HIS B 70 -32.55 -2.00 9.37
CA HIS B 70 -33.71 -2.60 8.73
C HIS B 70 -33.98 -1.81 7.44
N THR B 71 -33.86 -0.48 7.50
CA THR B 71 -34.12 0.39 6.35
C THR B 71 -32.90 0.75 5.50
N GLN B 72 -32.97 0.44 4.21
CA GLN B 72 -31.90 0.73 3.25
C GLN B 72 -31.55 2.21 3.18
N VAL B 73 -30.25 2.50 3.15
CA VAL B 73 -29.80 3.88 3.09
C VAL B 73 -29.46 4.30 1.67
N VAL B 74 -30.14 5.33 1.21
CA VAL B 74 -29.92 5.84 -0.14
C VAL B 74 -29.00 7.05 -0.02
N VAL B 75 -27.78 6.90 -0.53
CA VAL B 75 -26.80 7.96 -0.48
C VAL B 75 -26.76 8.68 -1.80
N ASP B 76 -27.22 9.93 -1.77
CA ASP B 76 -27.25 10.75 -2.98
C ASP B 76 -26.59 12.11 -2.82
N VAL B 77 -25.62 12.22 -1.92
CA VAL B 77 -24.92 13.46 -1.78
C VAL B 77 -23.45 13.21 -1.93
N SER B 78 -22.82 14.09 -2.69
CA SER B 78 -21.40 14.00 -2.93
C SER B 78 -20.62 14.36 -1.70
N TYR B 79 -19.42 13.80 -1.63
CA TYR B 79 -18.51 14.06 -0.52
C TYR B 79 -19.12 13.67 0.84
N LEU B 80 -19.87 12.57 0.88
CA LEU B 80 -20.47 12.09 2.13
C LEU B 80 -19.48 11.09 2.74
N THR B 81 -19.17 11.28 4.01
CA THR B 81 -18.26 10.40 4.71
C THR B 81 -18.97 9.71 5.86
N ILE B 82 -18.97 8.38 5.85
CA ILE B 82 -19.57 7.63 6.92
C ILE B 82 -18.42 6.84 7.49
N ALA B 83 -18.04 7.17 8.72
CA ALA B 83 -16.92 6.53 9.36
C ALA B 83 -17.19 6.01 10.77
N GLY B 84 -16.47 4.96 11.14
CA GLY B 84 -16.60 4.38 12.46
C GLY B 84 -15.24 4.34 13.10
N PHE B 85 -15.06 3.48 14.10
CA PHE B 85 -13.78 3.37 14.79
C PHE B 85 -13.13 1.99 14.64
N GLY B 86 -13.71 1.14 13.79
CA GLY B 86 -13.14 -0.18 13.62
C GLY B 86 -13.84 -1.07 12.62
N HIS B 87 -13.11 -2.07 12.10
CA HIS B 87 -13.64 -3.02 11.13
C HIS B 87 -14.33 -4.18 11.84
N GLY B 88 -13.99 -4.35 13.11
CA GLY B 88 -14.54 -5.39 13.96
C GLY B 88 -14.83 -6.75 13.35
N PHE B 89 -13.92 -7.28 12.54
CA PHE B 89 -14.20 -8.58 11.94
C PHE B 89 -14.22 -9.68 12.99
N PHE B 90 -15.04 -10.69 12.71
CA PHE B 90 -15.23 -11.83 13.58
C PHE B 90 -15.76 -12.94 12.66
N SER B 91 -15.10 -14.09 12.73
CA SER B 91 -15.42 -15.26 11.91
C SER B 91 -16.72 -15.94 12.30
N ARG B 92 -17.83 -15.56 11.67
CA ARG B 92 -19.11 -16.20 11.97
C ARG B 92 -19.09 -17.63 11.48
N SER B 93 -18.26 -17.89 10.47
CA SER B 93 -18.13 -19.22 9.89
C SER B 93 -17.65 -20.20 10.95
N ILE B 94 -16.61 -19.84 11.69
CA ILE B 94 -16.10 -20.73 12.71
C ILE B 94 -17.11 -20.90 13.84
N LEU B 95 -17.80 -19.83 14.23
CA LEU B 95 -18.80 -19.93 15.27
C LEU B 95 -19.90 -20.92 14.87
N ASP B 96 -20.42 -20.75 13.65
CA ASP B 96 -21.49 -21.59 13.10
C ASP B 96 -21.14 -23.06 12.97
N ASN B 97 -19.85 -23.37 12.94
CA ASN B 97 -19.41 -24.74 12.80
C ASN B 97 -18.68 -25.23 14.03
N SER B 98 -18.84 -24.49 15.13
CA SER B 98 -18.22 -24.81 16.41
C SER B 98 -19.26 -24.87 17.53
N ASN B 99 -18.78 -25.23 18.71
CA ASN B 99 -19.62 -25.31 19.91
C ASN B 99 -19.40 -24.05 20.74
N PRO B 100 -20.34 -23.09 20.66
CA PRO B 100 -20.33 -21.81 21.36
C PRO B 100 -20.26 -21.78 22.90
N THR B 101 -20.39 -22.93 23.55
CA THR B 101 -20.34 -22.97 25.02
C THR B 101 -19.15 -22.27 25.66
N GLY B 102 -19.46 -21.28 26.49
CA GLY B 102 -18.44 -20.53 27.20
C GLY B 102 -17.68 -19.54 26.33
N TRP B 103 -18.16 -19.32 25.11
CA TRP B 103 -17.52 -18.37 24.20
C TRP B 103 -17.77 -16.94 24.71
N GLN B 104 -16.71 -16.15 24.78
CA GLN B 104 -16.77 -14.77 25.28
C GLN B 104 -17.28 -13.75 24.25
N ASN B 105 -17.39 -14.19 23.00
CA ASN B 105 -17.88 -13.34 21.91
C ASN B 105 -18.64 -14.23 20.94
N LEU B 106 -19.80 -13.76 20.48
CA LEU B 106 -20.59 -14.52 19.53
C LEU B 106 -20.89 -13.65 18.32
N GLN B 107 -20.34 -12.44 18.31
CA GLN B 107 -20.60 -11.49 17.23
C GLN B 107 -19.55 -10.43 16.91
N PRO B 108 -19.58 -9.92 15.67
CA PRO B 108 -18.69 -8.88 15.16
C PRO B 108 -18.77 -7.63 16.04
N GLY B 109 -17.69 -6.83 16.06
CA GLY B 109 -17.67 -5.65 16.91
C GLY B 109 -17.33 -4.30 16.28
N ALA B 110 -16.79 -3.39 17.09
CA ALA B 110 -16.42 -2.05 16.65
C ALA B 110 -17.72 -1.32 16.30
N SER B 111 -17.73 -0.57 15.20
CA SER B 111 -18.94 0.13 14.78
C SER B 111 -19.66 -0.88 13.90
N HIS B 112 -20.33 -1.79 14.60
CA HIS B 112 -21.05 -2.94 14.09
C HIS B 112 -22.48 -2.69 13.60
N ILE B 113 -22.68 -2.80 12.29
CA ILE B 113 -24.00 -2.62 11.70
C ILE B 113 -24.49 -3.97 11.23
N ARG B 114 -25.61 -4.41 11.81
CA ARG B 114 -26.19 -5.68 11.44
C ARG B 114 -27.20 -5.37 10.37
N VAL B 115 -26.89 -5.88 9.18
CA VAL B 115 -27.71 -5.69 8.00
C VAL B 115 -28.89 -6.67 8.04
N LEU B 116 -30.08 -6.12 8.28
CA LEU B 116 -31.30 -6.92 8.34
C LEU B 116 -32.26 -6.39 7.29
N THR B 117 -31.76 -6.26 6.07
CA THR B 117 -32.55 -5.75 4.97
C THR B 117 -33.55 -6.70 4.37
N SER B 118 -34.62 -6.10 3.86
CA SER B 118 -35.72 -6.83 3.22
C SER B 118 -35.40 -7.03 1.74
N PRO B 119 -35.93 -8.12 1.15
CA PRO B 119 -35.71 -8.42 -0.27
C PRO B 119 -35.83 -7.21 -1.22
N SER B 120 -36.87 -6.40 -1.01
CA SER B 120 -37.12 -5.22 -1.84
C SER B 120 -36.07 -4.11 -1.79
N ALA B 121 -35.14 -4.21 -0.85
CA ALA B 121 -34.07 -3.23 -0.69
C ALA B 121 -32.88 -3.94 -0.06
N PRO B 122 -32.25 -4.87 -0.80
CA PRO B 122 -31.10 -5.66 -0.40
C PRO B 122 -29.94 -4.94 0.29
N GLN B 123 -29.46 -3.92 -0.40
CA GLN B 123 -28.31 -3.12 0.02
C GLN B 123 -28.48 -2.27 1.28
N ALA B 124 -27.50 -2.38 2.19
CA ALA B 124 -27.52 -1.61 3.42
C ALA B 124 -27.34 -0.17 2.97
N PHE B 125 -26.38 0.03 2.08
CA PHE B 125 -26.10 1.34 1.53
C PHE B 125 -26.15 1.29 0.02
N LEU B 126 -27.01 2.13 -0.56
CA LEU B 126 -27.14 2.21 -2.00
C LEU B 126 -26.87 3.64 -2.40
N VAL B 127 -25.74 3.81 -3.06
CA VAL B 127 -25.28 5.11 -3.52
C VAL B 127 -25.71 5.31 -4.96
N LYS B 128 -26.51 6.33 -5.20
CA LYS B 128 -26.96 6.59 -6.55
C LYS B 128 -27.62 7.95 -6.66
N ARG B 129 -27.49 8.53 -7.84
CA ARG B 129 -28.11 9.81 -8.07
C ARG B 129 -28.32 10.05 -9.54
N ALA B 130 -29.43 10.71 -9.83
CA ALA B 130 -29.78 11.01 -11.20
C ALA B 130 -29.28 12.41 -11.46
N GLY B 131 -29.43 12.81 -12.70
CA GLY B 131 -29.03 14.12 -13.10
C GLY B 131 -27.53 14.21 -13.26
N ASP B 132 -27.10 15.40 -13.61
CA ASP B 132 -25.68 15.59 -13.79
C ASP B 132 -25.15 16.35 -12.58
N PRO B 133 -23.90 16.09 -12.25
CA PRO B 133 -22.52 15.79 -11.89
C PRO B 133 -22.55 14.36 -11.41
N ARG B 134 -21.53 13.58 -11.75
CA ARG B 134 -21.55 12.23 -11.25
C ARG B 134 -21.17 12.43 -9.81
N LEU B 135 -21.59 11.49 -8.99
CA LEU B 135 -21.27 11.54 -7.58
C LEU B 135 -19.78 11.42 -7.41
N SER B 136 -19.25 12.20 -6.48
CA SER B 136 -17.83 12.17 -6.24
C SER B 136 -17.44 12.33 -4.79
N GLY B 137 -16.23 11.88 -4.50
CA GLY B 137 -15.66 11.97 -3.18
C GLY B 137 -16.33 11.26 -2.01
N ILE B 138 -17.22 10.32 -2.27
CA ILE B 138 -17.87 9.61 -1.17
C ILE B 138 -16.89 8.65 -0.51
N VAL B 139 -16.84 8.72 0.82
CA VAL B 139 -15.94 7.90 1.62
C VAL B 139 -16.66 7.03 2.66
N PHE B 140 -16.36 5.73 2.64
CA PHE B 140 -16.93 4.77 3.59
C PHE B 140 -15.74 4.21 4.36
N ARG B 141 -15.66 4.43 5.66
CA ARG B 141 -14.50 3.91 6.34
C ARG B 141 -14.62 3.53 7.80
N ASP B 142 -13.71 2.64 8.17
CA ASP B 142 -13.57 2.12 9.51
C ASP B 142 -14.81 1.68 10.30
N PHE B 143 -15.72 0.98 9.66
CA PHE B 143 -16.89 0.44 10.33
C PHE B 143 -17.24 -0.97 9.81
N CYS B 144 -18.17 -1.64 10.48
CA CYS B 144 -18.49 -3.02 10.13
C CYS B 144 -19.91 -3.33 9.60
N LEU B 145 -19.95 -4.13 8.54
CA LEU B 145 -21.22 -4.55 7.92
C LEU B 145 -21.31 -6.06 8.03
N ASP B 146 -22.25 -6.52 8.86
CA ASP B 146 -22.43 -7.95 9.13
C ASP B 146 -23.81 -8.45 8.68
N GLY B 147 -23.80 -9.47 7.81
CA GLY B 147 -25.03 -10.05 7.29
C GLY B 147 -25.72 -11.00 8.24
N VAL B 148 -25.14 -11.14 9.43
CA VAL B 148 -25.68 -11.98 10.48
C VAL B 148 -25.69 -13.50 10.25
N GLY B 149 -26.17 -13.94 9.10
CA GLY B 149 -26.21 -15.37 8.84
C GLY B 149 -26.61 -15.77 7.43
N PHE B 150 -26.30 -17.02 7.09
CA PHE B 150 -26.63 -17.55 5.77
C PHE B 150 -27.92 -18.37 5.78
N THR B 151 -28.68 -18.30 4.70
CA THR B 151 -29.98 -18.96 4.65
C THR B 151 -30.36 -19.61 3.33
N PRO B 152 -30.89 -20.87 3.33
CA PRO B 152 -31.28 -21.97 4.25
C PRO B 152 -30.13 -22.68 4.99
N GLY B 153 -29.06 -23.00 4.26
CA GLY B 153 -27.93 -23.66 4.89
C GLY B 153 -27.08 -22.65 5.64
N LYS B 154 -26.60 -23.05 6.81
CA LYS B 154 -25.78 -22.14 7.60
C LYS B 154 -24.45 -21.86 6.90
N ASN B 155 -24.09 -22.73 5.96
CA ASN B 155 -22.85 -22.57 5.20
C ASN B 155 -23.13 -22.33 3.72
N SER B 156 -24.28 -21.75 3.41
CA SER B 156 -24.69 -21.50 2.04
C SER B 156 -24.05 -20.29 1.35
N TYR B 157 -23.59 -19.31 2.13
CA TYR B 157 -23.00 -18.09 1.58
C TYR B 157 -24.09 -17.37 0.78
N HIS B 158 -25.34 -17.62 1.14
CA HIS B 158 -26.45 -16.98 0.48
C HIS B 158 -27.38 -16.38 1.50
N ASN B 159 -27.86 -15.17 1.23
CA ASN B 159 -28.77 -14.57 2.16
C ASN B 159 -29.42 -13.34 1.55
N GLY B 160 -29.04 -13.04 0.31
CA GLY B 160 -29.62 -11.92 -0.42
C GLY B 160 -29.31 -10.52 0.07
N LYS B 161 -28.35 -10.36 0.97
CA LYS B 161 -28.04 -9.03 1.48
C LYS B 161 -26.76 -8.47 0.84
N THR B 162 -26.71 -7.16 0.67
CA THR B 162 -25.50 -6.53 0.13
C THR B 162 -25.11 -5.41 1.09
N GLY B 163 -23.81 -5.25 1.30
CA GLY B 163 -23.31 -4.23 2.20
C GLY B 163 -23.33 -2.82 1.67
N ILE B 164 -22.49 -2.57 0.66
CA ILE B 164 -22.40 -1.25 0.04
C ILE B 164 -22.49 -1.43 -1.46
N GLU B 165 -23.42 -0.72 -2.09
CA GLU B 165 -23.56 -0.83 -3.54
C GLU B 165 -23.64 0.53 -4.20
N VAL B 166 -22.79 0.74 -5.19
CA VAL B 166 -22.74 1.99 -5.93
C VAL B 166 -23.32 1.72 -7.32
N ALA B 167 -24.54 2.20 -7.54
CA ALA B 167 -25.22 1.98 -8.81
C ALA B 167 -25.14 3.09 -9.87
N SER B 168 -24.51 4.22 -9.55
CA SER B 168 -24.40 5.30 -10.54
C SER B 168 -22.95 5.61 -10.81
N ASP B 169 -22.67 6.22 -11.97
CA ASP B 169 -21.29 6.54 -12.29
C ASP B 169 -20.75 7.43 -11.19
N ASN B 170 -19.56 7.08 -10.73
CA ASN B 170 -18.96 7.77 -9.62
C ASN B 170 -17.52 8.19 -9.88
N ASP B 171 -17.05 9.18 -9.12
CA ASP B 171 -15.67 9.59 -9.28
C ASP B 171 -14.99 9.83 -7.96
N SER B 172 -13.77 9.31 -7.88
CA SER B 172 -12.91 9.42 -6.71
C SER B 172 -13.50 8.86 -5.41
N PHE B 173 -14.21 7.74 -5.50
CA PHE B 173 -14.76 7.16 -4.28
C PHE B 173 -13.62 6.54 -3.50
N HIS B 174 -13.80 6.44 -2.18
CA HIS B 174 -12.78 5.88 -1.30
C HIS B 174 -13.45 4.93 -0.31
N ILE B 175 -12.96 3.69 -0.27
CA ILE B 175 -13.49 2.67 0.62
C ILE B 175 -12.32 2.09 1.42
N THR B 176 -12.12 2.53 2.66
CA THR B 176 -11.01 2.00 3.43
C THR B 176 -11.29 1.65 4.90
N GLY B 177 -10.49 0.71 5.41
CA GLY B 177 -10.59 0.27 6.80
C GLY B 177 -11.86 -0.46 7.17
N MSE B 178 -12.59 -0.94 6.17
CA MSE B 178 -13.86 -1.62 6.41
C MSE B 178 -13.81 -3.08 6.83
O MSE B 178 -12.81 -3.77 6.65
CB MSE B 178 -14.75 -1.47 5.19
CG MSE B 178 -15.07 -0.04 4.81
SE MSE B 178 -16.37 0.72 5.93
CE MSE B 178 -17.75 -0.40 5.44
N GLY B 179 -14.93 -3.53 7.39
CA GLY B 179 -15.07 -4.91 7.82
C GLY B 179 -16.39 -5.41 7.28
N PHE B 180 -16.33 -6.36 6.37
CA PHE B 180 -17.54 -6.93 5.77
C PHE B 180 -17.56 -8.39 6.15
N VAL B 181 -18.70 -8.87 6.65
CA VAL B 181 -18.77 -10.26 7.03
C VAL B 181 -20.17 -10.86 6.88
N TYR B 182 -20.22 -12.08 6.35
CA TYR B 182 -21.45 -12.84 6.13
C TYR B 182 -22.52 -12.15 5.27
N LEU B 183 -22.07 -11.49 4.20
CA LEU B 183 -22.95 -10.79 3.26
C LEU B 183 -22.91 -11.51 1.92
N GLU B 184 -24.05 -11.65 1.24
CA GLU B 184 -23.97 -12.34 -0.04
C GLU B 184 -23.11 -11.54 -1.00
N HIS B 185 -23.21 -10.22 -0.92
CA HIS B 185 -22.40 -9.34 -1.75
C HIS B 185 -21.88 -8.27 -0.78
N ALA B 186 -20.57 -8.19 -0.62
CA ALA B 186 -20.01 -7.21 0.30
C ALA B 186 -20.03 -5.84 -0.33
N LEU B 187 -19.24 -5.67 -1.38
CA LEU B 187 -19.14 -4.40 -2.08
C LEU B 187 -19.33 -4.49 -3.60
N ILE B 188 -20.16 -3.60 -4.14
CA ILE B 188 -20.42 -3.55 -5.57
C ILE B 188 -20.27 -2.10 -6.04
N VAL B 189 -19.48 -1.89 -7.08
CA VAL B 189 -19.28 -0.54 -7.62
C VAL B 189 -19.22 -0.53 -9.15
N ARG B 190 -20.31 -0.02 -9.73
CA ARG B 190 -20.50 0.09 -11.16
C ARG B 190 -19.98 1.44 -11.68
N GLY B 191 -19.30 1.42 -12.83
CA GLY B 191 -18.80 2.67 -13.39
C GLY B 191 -17.80 3.39 -12.50
N ALA B 192 -16.94 2.63 -11.84
CA ALA B 192 -15.93 3.19 -10.95
C ALA B 192 -14.85 3.89 -11.75
N ASP B 193 -14.45 5.06 -11.28
CA ASP B 193 -13.45 5.89 -11.93
C ASP B 193 -12.61 6.52 -10.82
N ALA B 194 -11.30 6.21 -10.83
CA ALA B 194 -10.36 6.71 -9.83
C ALA B 194 -10.77 6.21 -8.45
N LEU B 195 -11.42 5.05 -8.43
CA LEU B 195 -11.86 4.43 -7.20
C LEU B 195 -10.70 3.87 -6.42
N ARG B 196 -10.87 3.84 -5.11
CA ARG B 196 -9.85 3.28 -4.26
C ARG B 196 -10.45 2.43 -3.19
N VAL B 197 -10.05 1.17 -3.22
CA VAL B 197 -10.48 0.16 -2.29
C VAL B 197 -9.16 -0.32 -1.70
N ASN B 198 -8.90 0.02 -0.44
CA ASN B 198 -7.65 -0.35 0.21
C ASN B 198 -7.76 -0.48 1.72
N ASP B 199 -6.93 -1.35 2.30
CA ASP B 199 -6.89 -1.57 3.74
C ASP B 199 -8.23 -2.07 4.32
N ASN B 200 -8.88 -3.01 3.63
CA ASN B 200 -10.14 -3.56 4.11
C ASN B 200 -10.08 -5.05 4.40
N MSE B 201 -11.04 -5.51 5.21
CA MSE B 201 -11.17 -6.92 5.56
C MSE B 201 -12.54 -7.37 5.09
O MSE B 201 -13.56 -7.08 5.73
CB MSE B 201 -11.05 -7.11 7.08
CG MSE B 201 -11.43 -8.48 7.58
SE MSE B 201 -10.30 -9.87 6.90
CE MSE B 201 -8.74 -9.53 7.99
N ILE B 202 -12.54 -8.07 3.96
CA ILE B 202 -13.78 -8.54 3.35
C ILE B 202 -13.72 -10.07 3.30
N ALA B 203 -14.39 -10.75 4.23
CA ALA B 203 -14.34 -12.19 4.20
C ALA B 203 -15.60 -12.87 4.70
N GLU B 204 -15.71 -14.15 4.34
CA GLU B 204 -16.86 -14.94 4.72
C GLU B 204 -18.08 -14.25 4.11
N CYS B 205 -17.91 -13.87 2.85
CA CYS B 205 -18.95 -13.21 2.05
C CYS B 205 -19.10 -14.04 0.78
N GLY B 206 -20.30 -14.05 0.21
CA GLY B 206 -20.51 -14.82 -1.00
C GLY B 206 -19.64 -14.23 -2.10
N ASN B 207 -19.68 -12.91 -2.18
CA ASN B 207 -18.88 -12.15 -3.14
C ASN B 207 -18.23 -11.00 -2.36
N CYS B 208 -16.98 -10.68 -2.67
CA CYS B 208 -16.29 -9.61 -1.96
C CYS B 208 -16.34 -8.26 -2.68
N VAL B 209 -15.54 -8.09 -3.75
CA VAL B 209 -15.55 -6.82 -4.47
C VAL B 209 -15.92 -7.02 -5.95
N GLU B 210 -17.00 -6.35 -6.36
CA GLU B 210 -17.49 -6.44 -7.73
C GLU B 210 -17.53 -5.09 -8.46
N LEU B 211 -16.56 -4.87 -9.34
CA LEU B 211 -16.47 -3.64 -10.12
C LEU B 211 -17.08 -3.94 -11.49
N THR B 212 -18.38 -3.70 -11.57
CA THR B 212 -19.15 -3.97 -12.77
C THR B 212 -19.30 -2.79 -13.72
N GLY B 213 -20.00 -3.04 -14.84
CA GLY B 213 -20.23 -2.01 -15.83
C GLY B 213 -18.97 -1.70 -16.62
N ALA B 214 -18.11 -0.86 -16.05
CA ALA B 214 -16.87 -0.47 -16.69
C ALA B 214 -16.10 0.36 -15.69
N GLY B 215 -14.82 0.62 -15.97
CA GLY B 215 -14.03 1.40 -15.03
C GLY B 215 -12.73 1.96 -15.57
N GLN B 216 -12.18 2.89 -14.81
CA GLN B 216 -10.92 3.53 -15.18
C GLN B 216 -10.09 3.88 -13.94
N ALA B 217 -8.77 3.81 -14.11
CA ALA B 217 -7.79 4.11 -13.07
C ALA B 217 -8.27 3.82 -11.65
N THR B 218 -8.54 2.56 -11.38
CA THR B 218 -9.00 2.12 -10.09
C THR B 218 -7.84 1.41 -9.38
N ILE B 219 -7.80 1.51 -8.06
CA ILE B 219 -6.76 0.86 -7.27
C ILE B 219 -7.38 0.00 -6.19
N VAL B 220 -6.93 -1.25 -6.15
CA VAL B 220 -7.39 -2.21 -5.15
C VAL B 220 -6.12 -2.78 -4.55
N SER B 221 -5.79 -2.32 -3.34
CA SER B 221 -4.57 -2.77 -2.67
C SER B 221 -4.71 -2.90 -1.16
N GLY B 222 -3.74 -3.59 -0.55
CA GLY B 222 -3.71 -3.78 0.89
C GLY B 222 -4.95 -4.43 1.52
N ASN B 223 -5.73 -5.14 0.72
CA ASN B 223 -6.95 -5.79 1.22
C ASN B 223 -6.79 -7.28 1.56
N HIS B 224 -7.68 -7.75 2.43
CA HIS B 224 -7.75 -9.16 2.89
C HIS B 224 -9.11 -9.67 2.39
N MSE B 225 -9.14 -10.59 1.43
CA MSE B 225 -10.45 -11.08 0.94
C MSE B 225 -10.62 -12.61 0.80
O MSE B 225 -9.73 -13.31 0.32
CB MSE B 225 -10.81 -10.49 -0.42
CG MSE B 225 -10.70 -8.97 -0.52
SE MSE B 225 -11.25 -8.46 -2.29
CE MSE B 225 -9.75 -7.34 -2.75
N GLY B 226 -11.79 -13.07 1.19
CA GLY B 226 -12.17 -14.47 1.09
C GLY B 226 -13.65 -14.50 0.74
N ALA B 227 -14.01 -15.14 -0.37
CA ALA B 227 -15.40 -15.19 -0.82
C ALA B 227 -16.10 -16.54 -0.64
N GLY B 228 -17.04 -16.81 -1.53
CA GLY B 228 -17.79 -18.06 -1.49
C GLY B 228 -17.67 -18.87 -2.77
N PRO B 229 -17.84 -20.20 -2.67
CA PRO B 229 -17.76 -21.16 -3.79
C PRO B 229 -18.51 -20.70 -5.04
N ASP B 230 -19.64 -20.03 -4.83
CA ASP B 230 -20.47 -19.56 -5.92
C ASP B 230 -20.29 -18.07 -6.14
N GLY B 231 -19.23 -17.50 -5.57
CA GLY B 231 -19.03 -16.07 -5.72
C GLY B 231 -17.63 -15.72 -6.18
N VAL B 232 -17.41 -14.44 -6.40
CA VAL B 232 -16.12 -13.95 -6.83
C VAL B 232 -15.47 -13.23 -5.66
N THR B 233 -14.14 -13.16 -5.69
CA THR B 233 -13.44 -12.48 -4.64
C THR B 233 -13.31 -11.07 -5.21
N LEU B 234 -12.52 -10.91 -6.27
CA LEU B 234 -12.38 -9.62 -6.92
C LEU B 234 -12.79 -9.82 -8.37
N LEU B 235 -13.77 -9.04 -8.79
CA LEU B 235 -14.29 -9.13 -10.15
C LEU B 235 -14.28 -7.75 -10.81
N ALA B 236 -13.80 -7.69 -12.05
CA ALA B 236 -13.75 -6.42 -12.77
C ALA B 236 -14.31 -6.57 -14.18
N GLU B 237 -15.22 -5.67 -14.54
CA GLU B 237 -15.85 -5.71 -15.85
C GLU B 237 -15.51 -4.52 -16.71
N ASN B 238 -14.86 -4.79 -17.84
CA ASN B 238 -14.48 -3.76 -18.80
C ASN B 238 -13.77 -2.59 -18.12
N HIS B 239 -12.71 -2.94 -17.41
CA HIS B 239 -11.89 -1.96 -16.71
C HIS B 239 -10.63 -1.71 -17.49
N GLU B 240 -10.11 -0.51 -17.34
CA GLU B 240 -8.91 -0.09 -18.01
C GLU B 240 -8.11 0.67 -16.95
N GLY B 241 -6.82 0.37 -16.84
CA GLY B 241 -6.00 1.03 -15.86
C GLY B 241 -6.17 0.54 -14.42
N LEU B 242 -6.69 -0.67 -14.25
CA LEU B 242 -6.87 -1.22 -12.91
C LEU B 242 -5.54 -1.70 -12.34
N LEU B 243 -5.30 -1.39 -11.08
CA LEU B 243 -4.09 -1.80 -10.39
C LEU B 243 -4.56 -2.63 -9.20
N VAL B 244 -4.09 -3.87 -9.14
CA VAL B 244 -4.45 -4.74 -8.05
C VAL B 244 -3.09 -5.16 -7.51
N THR B 245 -2.77 -4.64 -6.33
CA THR B 245 -1.47 -4.87 -5.74
C THR B 245 -1.47 -4.99 -4.21
N GLY B 246 -0.56 -5.80 -3.68
CA GLY B 246 -0.44 -5.98 -2.24
C GLY B 246 -1.67 -6.48 -1.51
N ASN B 247 -2.45 -7.34 -2.15
CA ASN B 247 -3.64 -7.89 -1.51
C ASN B 247 -3.33 -9.31 -1.07
N ASN B 248 -4.02 -9.77 -0.04
CA ASN B 248 -3.83 -11.13 0.43
C ASN B 248 -5.19 -11.79 0.28
N LEU B 249 -5.36 -12.47 -0.85
CA LEU B 249 -6.61 -13.14 -1.17
C LEU B 249 -6.51 -14.61 -0.79
N PHE B 250 -7.40 -15.02 0.09
CA PHE B 250 -7.42 -16.39 0.56
C PHE B 250 -8.70 -17.12 0.23
N PRO B 251 -8.76 -18.41 0.56
CA PRO B 251 -9.91 -19.27 0.30
C PRO B 251 -11.38 -18.92 0.23
N ARG B 252 -12.75 -18.85 -0.27
CA ARG B 252 -13.08 -19.98 -1.29
C ARG B 252 -14.06 -19.34 -2.21
N GLY B 253 -13.65 -18.23 -2.80
CA GLY B 253 -14.31 -17.81 -4.04
C GLY B 253 -14.23 -18.88 -5.13
N ARG B 254 -14.99 -18.68 -6.20
CA ARG B 254 -14.95 -19.61 -7.33
C ARG B 254 -13.66 -19.24 -8.02
N SER B 255 -13.25 -18.00 -7.78
CA SER B 255 -12.02 -17.42 -8.33
C SER B 255 -11.55 -16.41 -7.30
N LEU B 256 -10.32 -15.92 -7.46
CA LEU B 256 -9.79 -14.92 -6.52
C LEU B 256 -9.70 -13.60 -7.25
N ILE B 257 -9.35 -13.65 -8.53
CA ILE B 257 -9.27 -12.45 -9.35
C ILE B 257 -9.86 -12.82 -10.70
N GLU B 258 -10.86 -12.07 -11.10
CA GLU B 258 -11.56 -12.37 -12.33
C GLU B 258 -11.89 -11.13 -13.13
N PHE B 259 -11.23 -11.00 -14.29
CA PHE B 259 -11.45 -9.89 -15.19
C PHE B 259 -12.23 -10.33 -16.42
N THR B 260 -13.28 -9.60 -16.80
CA THR B 260 -13.93 -9.96 -18.04
C THR B 260 -13.80 -8.75 -18.94
N GLY B 261 -13.08 -8.93 -20.03
CA GLY B 261 -12.86 -7.87 -20.99
C GLY B 261 -12.17 -6.63 -20.47
N CYS B 262 -11.24 -6.77 -19.52
CA CYS B 262 -10.53 -5.60 -19.03
C CYS B 262 -9.28 -5.46 -19.90
N ASN B 263 -8.81 -4.23 -20.09
CA ASN B 263 -7.63 -4.02 -20.90
C ASN B 263 -6.59 -3.19 -20.17
N ARG B 264 -5.32 -3.48 -20.42
CA ARG B 264 -4.22 -2.77 -19.81
C ARG B 264 -4.30 -2.65 -18.29
N CYS B 265 -4.70 -3.71 -17.61
CA CYS B 265 -4.76 -3.66 -16.16
C CYS B 265 -3.53 -4.36 -15.62
N SER B 266 -3.31 -4.28 -14.31
CA SER B 266 -2.13 -4.92 -13.74
C SER B 266 -2.41 -5.59 -12.41
N VAL B 267 -1.91 -6.83 -12.28
CA VAL B 267 -2.07 -7.59 -11.05
C VAL B 267 -0.66 -7.98 -10.63
N THR B 268 -0.15 -7.26 -9.62
CA THR B 268 1.21 -7.45 -9.15
C THR B 268 1.38 -7.45 -7.63
N SER B 269 2.37 -8.20 -7.15
CA SER B 269 2.70 -8.25 -5.73
C SER B 269 1.52 -8.68 -4.86
N ASN B 270 0.86 -9.76 -5.24
CA ASN B 270 -0.27 -10.27 -4.49
C ASN B 270 -0.02 -11.67 -3.98
N ARG B 271 -0.81 -12.06 -2.99
CA ARG B 271 -0.75 -13.39 -2.40
C ARG B 271 -2.09 -14.05 -2.64
N LEU B 272 -2.12 -15.10 -3.47
CA LEU B 272 -3.36 -15.78 -3.76
C LEU B 272 -3.37 -17.21 -3.25
N GLN B 273 -4.46 -17.61 -2.62
CA GLN B 273 -4.62 -18.96 -2.10
C GLN B 273 -6.04 -19.45 -2.36
N GLY B 274 -6.16 -20.48 -3.19
CA GLY B 274 -7.47 -21.02 -3.49
C GLY B 274 -7.54 -22.52 -3.34
N PHE B 275 -8.76 -23.06 -3.32
CA PHE B 275 -8.98 -24.50 -3.20
C PHE B 275 -9.57 -25.05 -4.49
N TYR B 276 -9.64 -24.21 -5.52
CA TYR B 276 -10.22 -24.64 -6.77
C TYR B 276 -9.54 -24.10 -8.01
N PRO B 277 -9.86 -24.72 -9.15
CA PRO B 277 -9.37 -24.39 -10.49
C PRO B 277 -9.77 -22.94 -10.82
N GLY B 278 -8.94 -22.29 -11.64
CA GLY B 278 -9.21 -20.92 -12.04
C GLY B 278 -9.25 -19.86 -10.95
N MSE B 279 -8.18 -19.73 -10.19
CA MSE B 279 -8.13 -18.74 -9.12
C MSE B 279 -7.92 -17.36 -9.74
O MSE B 279 -8.36 -16.34 -9.19
CB MSE B 279 -6.98 -19.04 -8.16
CG MSE B 279 -7.17 -20.25 -7.30
SE MSE B 279 -5.50 -20.99 -6.68
CE MSE B 279 -4.68 -19.40 -6.02
N LEU B 280 -7.26 -17.33 -10.89
CA LEU B 280 -6.96 -16.10 -11.60
C LEU B 280 -7.52 -16.26 -13.01
N ARG B 281 -8.52 -15.45 -13.35
CA ARG B 281 -9.15 -15.57 -14.66
C ARG B 281 -9.23 -14.30 -15.52
N LEU B 282 -8.78 -14.43 -16.77
CA LEU B 282 -8.83 -13.34 -17.75
C LEU B 282 -9.72 -13.88 -18.85
N LEU B 283 -10.98 -13.50 -18.76
CA LEU B 283 -12.04 -13.94 -19.66
C LEU B 283 -12.57 -12.93 -20.66
N ASN B 284 -13.31 -13.45 -21.63
CA ASN B 284 -13.96 -12.66 -22.65
C ASN B 284 -13.04 -11.59 -23.25
N GLY B 285 -11.90 -12.05 -23.73
CA GLY B 285 -10.93 -11.20 -24.37
C GLY B 285 -10.30 -10.05 -23.59
N CYS B 286 -9.50 -10.37 -22.58
CA CYS B 286 -8.81 -9.33 -21.84
C CYS B 286 -7.54 -9.11 -22.60
N LYS B 287 -7.19 -7.85 -22.87
CA LYS B 287 -5.98 -7.57 -23.64
C LYS B 287 -4.94 -6.73 -22.92
N GLU B 288 -3.69 -6.99 -23.25
CA GLU B 288 -2.55 -6.24 -22.73
C GLU B 288 -2.42 -6.04 -21.21
N ASN B 289 -2.69 -7.09 -20.45
CA ASN B 289 -2.60 -7.00 -18.99
C ASN B 289 -1.34 -7.63 -18.44
N LEU B 290 -0.89 -7.10 -17.30
CA LEU B 290 0.30 -7.57 -16.64
C LEU B 290 -0.04 -8.31 -15.34
N ILE B 291 0.39 -9.57 -15.29
CA ILE B 291 0.17 -10.42 -14.12
C ILE B 291 1.58 -10.85 -13.75
N THR B 292 2.13 -10.23 -12.72
CA THR B 292 3.49 -10.54 -12.34
C THR B 292 3.78 -10.40 -10.86
N ALA B 293 4.87 -11.03 -10.42
CA ALA B 293 5.30 -10.99 -9.03
C ALA B 293 4.20 -11.40 -8.03
N ASN B 294 3.41 -12.40 -8.40
CA ASN B 294 2.34 -12.87 -7.52
C ASN B 294 2.66 -14.27 -6.99
N HIS B 295 2.19 -14.57 -5.80
CA HIS B 295 2.38 -15.91 -5.25
C HIS B 295 1.04 -16.60 -5.39
N ILE B 296 1.04 -17.68 -6.18
CA ILE B 296 -0.18 -18.41 -6.45
C ILE B 296 -0.12 -19.82 -5.88
N ARG B 297 -0.96 -20.06 -4.88
CA ARG B 297 -1.02 -21.34 -4.19
C ARG B 297 -2.38 -22.01 -4.28
N ARG B 298 -2.40 -23.13 -4.97
CA ARG B 298 -3.60 -23.93 -5.13
C ARG B 298 -3.44 -25.17 -4.27
N THR B 299 -4.47 -25.50 -3.49
CA THR B 299 -4.39 -26.68 -2.67
C THR B 299 -5.81 -27.20 -2.48
N ASN B 300 -5.99 -28.16 -1.58
CA ASN B 300 -7.31 -28.74 -1.36
C ASN B 300 -7.98 -28.15 -0.12
N GLU B 301 -9.31 -28.08 -0.16
CA GLU B 301 -10.11 -27.56 0.94
C GLU B 301 -9.79 -28.34 2.22
N GLY B 302 -9.53 -27.62 3.31
CA GLY B 302 -9.19 -28.28 4.56
C GLY B 302 -10.18 -28.22 5.70
N TYR B 303 -11.18 -27.34 5.62
CA TYR B 303 -12.17 -27.22 6.69
C TYR B 303 -13.39 -28.06 6.33
N PRO B 304 -13.58 -29.19 7.04
CA PRO B 304 -14.66 -30.17 6.90
C PRO B 304 -16.04 -29.69 6.41
N PRO B 305 -16.63 -28.67 7.07
CA PRO B 305 -17.95 -28.19 6.66
C PRO B 305 -18.07 -27.96 5.15
N PHE B 306 -16.93 -27.62 4.55
CA PHE B 306 -16.87 -27.33 3.11
C PHE B 306 -16.16 -28.36 2.28
N ILE B 307 -15.73 -29.45 2.90
CA ILE B 307 -15.04 -30.43 2.10
C ILE B 307 -16.05 -31.07 1.16
N GLY B 308 -15.59 -31.33 -0.06
CA GLY B 308 -16.44 -31.94 -1.05
C GLY B 308 -17.16 -30.96 -1.95
N ARG B 309 -17.02 -29.66 -1.68
CA ARG B 309 -17.70 -28.66 -2.52
C ARG B 309 -16.71 -28.04 -3.49
N GLY B 310 -17.13 -27.84 -4.74
CA GLY B 310 -16.23 -27.29 -5.72
C GLY B 310 -16.75 -26.06 -6.44
N ASN B 311 -16.13 -25.71 -7.56
CA ASN B 311 -16.55 -24.55 -8.33
C ASN B 311 -16.99 -25.01 -9.72
N GLY B 312 -17.09 -26.33 -9.90
CA GLY B 312 -17.53 -26.88 -11.17
C GLY B 312 -16.49 -26.96 -12.26
N LEU B 313 -15.27 -26.52 -11.97
CA LEU B 313 -14.22 -26.57 -12.97
C LEU B 313 -13.26 -27.71 -12.69
N ASP B 314 -12.59 -28.21 -13.74
CA ASP B 314 -11.64 -29.27 -13.54
C ASP B 314 -10.22 -28.70 -13.60
N ASP B 315 -9.24 -29.55 -13.29
CA ASP B 315 -7.86 -29.12 -13.25
C ASP B 315 -7.21 -28.82 -14.60
N LEU B 316 -7.99 -28.89 -15.66
CA LEU B 316 -7.45 -28.59 -16.97
C LEU B 316 -7.82 -27.15 -17.33
N TYR B 317 -8.62 -26.52 -16.45
CA TYR B 317 -9.03 -25.12 -16.64
C TYR B 317 -7.79 -24.28 -16.35
N GLY B 318 -6.92 -24.80 -15.48
CA GLY B 318 -5.71 -24.10 -15.13
C GLY B 318 -5.89 -23.20 -13.92
N VAL B 319 -4.85 -23.10 -13.10
CA VAL B 319 -4.92 -22.24 -11.91
C VAL B 319 -5.08 -20.82 -12.43
N VAL B 320 -4.36 -20.53 -13.52
CA VAL B 320 -4.43 -19.24 -14.17
C VAL B 320 -4.94 -19.48 -15.57
N HIS B 321 -6.09 -18.87 -15.85
CA HIS B 321 -6.77 -19.04 -17.12
C HIS B 321 -6.80 -17.73 -17.91
N ILE B 322 -6.13 -17.72 -19.06
CA ILE B 322 -6.06 -16.53 -19.91
C ILE B 322 -6.71 -16.68 -21.28
N ALA B 323 -7.62 -15.76 -21.57
CA ALA B 323 -8.32 -15.73 -22.84
C ALA B 323 -8.26 -14.27 -23.25
N GLY B 324 -7.32 -13.94 -24.13
CA GLY B 324 -7.16 -12.58 -24.58
C GLY B 324 -5.84 -12.45 -25.30
N ASP B 325 -5.46 -11.23 -25.67
CA ASP B 325 -4.21 -11.04 -26.39
C ASP B 325 -3.20 -10.17 -25.66
N ASN B 326 -1.94 -10.38 -26.01
CA ASN B 326 -0.81 -9.62 -25.49
C ASN B 326 -0.65 -9.43 -23.99
N ASN B 327 -1.08 -10.43 -23.21
CA ASN B 327 -0.95 -10.36 -21.76
C ASN B 327 0.41 -10.92 -21.36
N LEU B 328 0.98 -10.41 -20.27
CA LEU B 328 2.29 -10.87 -19.80
C LEU B 328 2.20 -11.47 -18.39
N ILE B 329 2.32 -12.79 -18.32
CA ILE B 329 2.27 -13.50 -17.05
C ILE B 329 3.71 -13.91 -16.75
N SER B 330 4.34 -13.22 -15.80
CA SER B 330 5.72 -13.51 -15.47
C SER B 330 6.10 -13.30 -14.02
N ASP B 331 7.26 -13.84 -13.67
CA ASP B 331 7.81 -13.71 -12.32
C ASP B 331 6.80 -14.08 -11.24
N ASN B 332 6.06 -15.17 -11.46
CA ASN B 332 5.06 -15.66 -10.50
C ASN B 332 5.52 -17.00 -9.92
N LEU B 333 5.17 -17.28 -8.66
CA LEU B 333 5.54 -18.54 -8.04
C LEU B 333 4.29 -19.38 -7.81
N PHE B 334 4.21 -20.54 -8.45
CA PHE B 334 3.08 -21.43 -8.31
C PHE B 334 3.38 -22.60 -7.37
N ALA B 335 2.60 -22.71 -6.30
CA ALA B 335 2.75 -23.79 -5.33
C ALA B 335 1.46 -24.60 -5.37
N TYR B 336 1.55 -25.78 -5.97
CA TYR B 336 0.38 -26.63 -6.13
C TYR B 336 0.48 -27.95 -5.36
N ASN B 337 -0.43 -28.13 -4.41
CA ASN B 337 -0.48 -29.33 -3.58
C ASN B 337 -1.91 -29.83 -3.51
N VAL B 338 -2.21 -30.83 -4.34
CA VAL B 338 -3.54 -31.39 -4.40
C VAL B 338 -3.49 -32.90 -4.59
N PRO B 339 -4.22 -33.64 -3.73
CA PRO B 339 -4.31 -35.09 -3.76
C PRO B 339 -4.63 -35.63 -5.15
N PRO B 340 -3.83 -36.58 -5.66
CA PRO B 340 -4.10 -37.13 -6.99
C PRO B 340 -5.58 -37.43 -7.16
N ALA B 341 -6.19 -37.93 -6.09
CA ALA B 341 -7.60 -38.29 -6.07
C ALA B 341 -8.59 -37.15 -6.15
N ASN B 342 -8.14 -35.92 -5.90
CA ASN B 342 -9.07 -34.83 -5.99
C ASN B 342 -8.90 -34.15 -7.32
N ILE B 343 -7.97 -34.66 -8.10
CA ILE B 343 -7.68 -34.11 -9.41
C ILE B 343 -8.64 -34.58 -10.50
N ALA B 344 -9.23 -33.59 -11.15
CA ALA B 344 -10.20 -33.76 -12.20
C ALA B 344 -9.59 -33.43 -13.57
N PRO B 345 -9.61 -34.35 -14.52
CA PRO B 345 -10.05 -35.74 -14.68
C PRO B 345 -9.02 -36.76 -14.19
N ALA B 346 -9.51 -37.89 -13.70
CA ALA B 346 -8.63 -38.92 -13.19
C ALA B 346 -7.53 -39.15 -14.20
N GLY B 347 -6.31 -39.26 -13.69
CA GLY B 347 -5.17 -39.50 -14.55
C GLY B 347 -4.59 -38.22 -15.10
N ALA B 348 -5.38 -37.15 -15.15
CA ALA B 348 -4.85 -35.93 -15.74
C ALA B 348 -3.82 -35.15 -14.93
N GLN B 349 -2.98 -34.47 -15.70
CA GLN B 349 -1.93 -33.61 -15.16
C GLN B 349 -2.52 -32.22 -15.00
N PRO B 350 -2.42 -31.67 -13.79
CA PRO B 350 -2.93 -30.34 -13.49
C PRO B 350 -2.23 -29.28 -14.37
N THR B 351 -2.99 -28.27 -14.80
CA THR B 351 -2.44 -27.21 -15.62
C THR B 351 -2.28 -25.95 -14.79
N GLN B 352 -1.04 -25.47 -14.68
CA GLN B 352 -0.81 -24.26 -13.91
C GLN B 352 -1.29 -23.06 -14.70
N ILE B 353 -0.74 -22.88 -15.90
CA ILE B 353 -1.14 -21.76 -16.74
C ILE B 353 -1.75 -22.20 -18.06
N LEU B 354 -3.01 -21.85 -18.28
CA LEU B 354 -3.70 -22.19 -19.51
C LEU B 354 -4.01 -20.94 -20.32
N ILE B 355 -3.46 -20.94 -21.52
CA ILE B 355 -3.66 -19.84 -22.45
C ILE B 355 -4.75 -20.38 -23.37
N ALA B 356 -6.00 -20.16 -22.93
CA ALA B 356 -7.21 -20.63 -23.60
C ALA B 356 -7.39 -20.19 -25.04
N GLY B 357 -6.99 -18.97 -25.32
CA GLY B 357 -7.12 -18.46 -26.66
C GLY B 357 -6.44 -17.11 -26.65
N GLY B 358 -6.28 -16.53 -27.82
CA GLY B 358 -5.64 -15.24 -27.84
C GLY B 358 -4.33 -15.25 -28.60
N ASP B 359 -3.89 -14.05 -28.90
CA ASP B 359 -2.70 -13.83 -29.65
C ASP B 359 -1.60 -13.11 -28.90
N ALA B 360 -0.36 -13.54 -29.16
CA ALA B 360 0.81 -12.91 -28.57
C ALA B 360 1.01 -12.95 -27.06
N ASN B 361 0.33 -13.85 -26.35
CA ASN B 361 0.55 -13.87 -24.93
C ASN B 361 1.96 -14.35 -24.63
N VAL B 362 2.55 -13.76 -23.59
CA VAL B 362 3.92 -14.08 -23.20
C VAL B 362 3.97 -14.62 -21.78
N VAL B 363 4.62 -15.77 -21.63
CA VAL B 363 4.75 -16.42 -20.34
C VAL B 363 6.24 -16.63 -20.03
N ALA B 364 6.75 -15.86 -19.08
CA ALA B 364 8.17 -15.96 -18.71
C ALA B 364 8.44 -16.01 -17.21
N LEU B 365 9.51 -16.72 -16.86
CA LEU B 365 9.95 -16.90 -15.48
C LEU B 365 8.82 -17.12 -14.47
N ASN B 366 8.23 -18.31 -14.56
CA ASN B 366 7.16 -18.73 -13.67
C ASN B 366 7.59 -20.04 -13.04
N HIS B 367 7.87 -20.00 -11.75
CA HIS B 367 8.33 -21.20 -11.04
C HIS B 367 7.15 -22.02 -10.52
N VAL B 368 7.15 -23.31 -10.87
CA VAL B 368 6.09 -24.20 -10.44
C VAL B 368 6.62 -25.28 -9.50
N VAL B 369 5.87 -25.53 -8.43
CA VAL B 369 6.22 -26.53 -7.46
C VAL B 369 4.95 -27.32 -7.27
N SER B 370 4.98 -28.62 -7.55
CA SER B 370 3.78 -29.39 -7.36
C SER B 370 4.11 -30.80 -6.96
N ASP B 371 3.19 -31.38 -6.19
CA ASP B 371 3.32 -32.73 -5.66
C ASP B 371 3.13 -33.77 -6.76
N VAL B 372 2.60 -33.34 -7.90
CA VAL B 372 2.35 -34.27 -8.98
C VAL B 372 2.87 -33.76 -10.31
N ALA B 373 2.90 -34.65 -11.30
CA ALA B 373 3.35 -34.27 -12.62
C ALA B 373 2.32 -33.22 -13.05
N SER B 374 2.79 -32.11 -13.58
CA SER B 374 1.88 -31.04 -13.98
C SER B 374 2.34 -30.33 -15.24
N GLN B 375 1.40 -29.83 -16.03
CA GLN B 375 1.77 -29.09 -17.23
C GLN B 375 1.79 -27.64 -16.78
N HIS B 376 3.00 -27.10 -16.65
CA HIS B 376 3.20 -25.72 -16.21
C HIS B 376 2.49 -24.74 -17.11
N VAL B 377 2.56 -24.99 -18.42
CA VAL B 377 1.91 -24.12 -19.36
C VAL B 377 1.28 -24.92 -20.48
N VAL B 378 0.05 -24.55 -20.81
CA VAL B 378 -0.66 -25.21 -21.89
C VAL B 378 -1.22 -24.13 -22.79
N LEU B 379 -0.88 -24.24 -24.06
CA LEU B 379 -1.34 -23.28 -25.05
C LEU B 379 -2.31 -24.05 -25.91
N ASP B 380 -3.58 -23.66 -25.81
CA ASP B 380 -4.65 -24.31 -26.54
C ASP B 380 -4.51 -24.09 -28.05
N ALA B 381 -5.09 -24.99 -28.83
CA ALA B 381 -5.01 -24.93 -30.30
C ALA B 381 -5.53 -23.65 -30.94
N SER B 382 -6.18 -22.81 -30.16
CA SER B 382 -6.72 -21.55 -30.67
C SER B 382 -5.64 -20.48 -30.66
N THR B 383 -4.76 -20.55 -29.67
CA THR B 383 -3.69 -19.58 -29.51
C THR B 383 -2.77 -19.43 -30.70
N THR B 384 -2.21 -18.24 -30.83
CA THR B 384 -1.27 -17.94 -31.88
C THR B 384 -0.16 -17.04 -31.36
N HIS B 385 1.02 -17.27 -31.90
CA HIS B 385 2.22 -16.51 -31.59
C HIS B 385 2.55 -16.28 -30.10
N SER B 386 2.28 -17.29 -29.27
CA SER B 386 2.57 -17.24 -27.83
C SER B 386 4.07 -17.40 -27.59
N LYS B 387 4.55 -16.93 -26.44
CA LYS B 387 5.97 -17.04 -26.09
C LYS B 387 6.11 -17.63 -24.70
N VAL B 388 6.84 -18.74 -24.58
CA VAL B 388 7.03 -19.35 -23.27
C VAL B 388 8.53 -19.44 -22.98
N LEU B 389 8.95 -18.68 -21.98
CA LEU B 389 10.34 -18.63 -21.58
C LEU B 389 10.55 -18.99 -20.12
N ASP B 390 11.51 -19.87 -19.87
CA ASP B 390 11.84 -20.25 -18.50
C ASP B 390 10.65 -20.49 -17.59
N SER B 391 9.68 -21.27 -18.07
CA SER B 391 8.49 -21.58 -17.28
C SER B 391 8.29 -23.09 -17.24
N GLY B 392 9.37 -23.83 -17.44
CA GLY B 392 9.29 -25.28 -17.39
C GLY B 392 10.10 -25.98 -18.46
N THR B 393 10.39 -27.26 -18.26
CA THR B 393 11.15 -28.03 -19.24
C THR B 393 10.19 -28.29 -20.39
N ALA B 394 10.71 -28.79 -21.50
CA ALA B 394 9.87 -29.07 -22.66
C ALA B 394 8.75 -30.06 -22.34
N SER B 395 8.97 -30.98 -21.42
CA SER B 395 7.92 -31.94 -21.11
C SER B 395 6.95 -31.45 -20.03
N GLN B 396 7.14 -30.22 -19.56
CA GLN B 396 6.23 -29.65 -18.58
C GLN B 396 5.41 -28.59 -19.32
N ILE B 397 5.64 -28.50 -20.63
CA ILE B 397 4.95 -27.53 -21.49
C ILE B 397 4.23 -28.19 -22.68
N THR B 398 2.93 -27.90 -22.84
CA THR B 398 2.17 -28.44 -23.95
C THR B 398 1.71 -27.31 -24.87
N SER B 399 2.12 -27.37 -26.12
CA SER B 399 1.75 -26.38 -27.10
C SER B 399 0.91 -27.06 -28.18
N TYR B 400 -0.35 -26.63 -28.32
CA TYR B 400 -1.22 -27.21 -29.34
C TYR B 400 -1.22 -26.32 -30.55
N SER B 401 -0.28 -25.42 -30.58
CA SER B 401 -0.17 -24.53 -31.71
C SER B 401 1.18 -24.87 -32.32
N SER B 402 1.47 -24.28 -33.47
CA SER B 402 2.75 -24.58 -34.09
C SER B 402 3.60 -23.34 -34.27
N ASP B 403 3.04 -22.17 -33.93
CA ASP B 403 3.83 -20.95 -34.04
C ASP B 403 4.31 -20.53 -32.66
N THR B 404 4.15 -21.42 -31.68
CA THR B 404 4.58 -21.10 -30.34
C THR B 404 6.10 -21.16 -30.26
N ALA B 405 6.67 -20.17 -29.59
CA ALA B 405 8.11 -20.11 -29.39
C ALA B 405 8.33 -20.46 -27.93
N ILE B 406 9.11 -21.52 -27.69
CA ILE B 406 9.36 -21.99 -26.34
C ILE B 406 10.86 -22.06 -26.02
N ARG B 407 11.23 -21.62 -24.83
CA ARG B 407 12.62 -21.69 -24.37
C ARG B 407 12.65 -22.44 -23.06
N PRO B 408 13.22 -23.65 -23.06
CA PRO B 408 13.31 -24.48 -21.86
C PRO B 408 13.94 -23.82 -20.64
N THR B 409 13.44 -24.16 -19.47
CA THR B 409 14.08 -23.68 -18.26
C THR B 409 15.19 -24.71 -18.41
N PRO B 410 16.46 -24.28 -18.48
CA PRO B 410 17.53 -25.25 -18.62
C PRO B 410 17.39 -26.54 -17.82
N PRO C 12 -7.72 18.40 24.90
CA PRO C 12 -6.36 18.97 25.02
C PRO C 12 -5.52 18.94 23.74
N ASN C 13 -5.03 20.12 23.37
CA ASN C 13 -4.22 20.29 22.18
C ASN C 13 -4.98 19.93 20.91
N THR C 14 -6.30 19.97 21.00
CA THR C 14 -7.16 19.65 19.85
C THR C 14 -8.02 20.88 19.57
N TYR C 15 -8.00 21.35 18.32
CA TYR C 15 -8.81 22.50 17.95
C TYR C 15 -9.70 22.09 16.77
N ASP C 16 -10.80 22.81 16.59
CA ASP C 16 -11.74 22.58 15.49
C ASP C 16 -11.70 23.98 14.86
N VAL C 17 -11.32 24.11 13.59
CA VAL C 17 -11.26 25.44 13.04
C VAL C 17 -12.54 26.27 13.15
N THR C 18 -13.72 25.63 13.11
CA THR C 18 -14.96 26.39 13.20
C THR C 18 -15.34 27.01 14.57
N THR C 19 -14.78 26.50 15.66
CA THR C 19 -15.12 27.01 17.00
C THR C 19 -14.12 28.03 17.56
N TRP C 20 -12.97 28.13 16.92
CA TRP C 20 -11.93 29.00 17.41
C TRP C 20 -11.93 30.44 16.92
N ARG C 21 -12.25 31.37 17.83
CA ARG C 21 -12.29 32.79 17.47
C ARG C 21 -10.94 33.47 17.66
N ILE C 22 -10.65 34.39 16.75
CA ILE C 22 -9.42 35.16 16.82
C ILE C 22 -9.78 36.34 17.71
N LYS C 23 -9.15 36.37 18.86
CA LYS C 23 -9.40 37.37 19.88
C LYS C 23 -9.40 38.83 19.41
N ALA C 24 -8.45 39.21 18.56
CA ALA C 24 -8.41 40.59 18.07
C ALA C 24 -9.22 40.77 16.80
N HIS C 25 -9.63 39.67 16.19
CA HIS C 25 -10.45 39.74 14.97
C HIS C 25 -11.57 38.70 14.91
N PRO C 26 -12.62 38.91 15.71
CA PRO C 26 -13.82 38.08 15.85
C PRO C 26 -14.63 37.65 14.60
N GLU C 27 -14.83 38.52 13.61
CA GLU C 27 -15.61 38.03 12.47
C GLU C 27 -14.76 37.38 11.38
N VAL C 28 -13.45 37.22 11.64
CA VAL C 28 -12.56 36.55 10.69
C VAL C 28 -12.64 35.07 11.08
N THR C 29 -13.52 34.34 10.39
CA THR C 29 -13.78 32.92 10.63
C THR C 29 -13.11 31.99 9.63
N ALA C 30 -13.23 30.68 9.89
CA ALA C 30 -12.64 29.69 8.99
C ALA C 30 -13.26 29.87 7.60
N GLN C 31 -14.52 30.30 7.57
CA GLN C 31 -15.21 30.52 6.30
C GLN C 31 -14.62 31.67 5.48
N SER C 32 -14.30 32.77 6.15
CA SER C 32 -13.75 33.94 5.44
C SER C 32 -12.23 33.84 5.23
N ASP C 33 -11.50 33.34 6.23
CA ASP C 33 -10.06 33.17 6.10
C ASP C 33 -9.56 32.12 7.09
N ILE C 34 -9.66 30.86 6.69
CA ILE C 34 -9.21 29.75 7.54
C ILE C 34 -7.70 29.85 7.72
N GLY C 35 -7.04 30.58 6.81
CA GLY C 35 -5.61 30.75 6.91
C GLY C 35 -5.31 31.55 8.16
N ALA C 36 -6.05 32.64 8.36
CA ALA C 36 -5.87 33.49 9.52
C ALA C 36 -6.14 32.70 10.79
N VAL C 37 -7.21 31.91 10.77
CA VAL C 37 -7.62 31.09 11.90
C VAL C 37 -6.54 30.11 12.33
N ILE C 38 -5.99 29.37 11.36
CA ILE C 38 -4.97 28.39 11.68
C ILE C 38 -3.70 29.06 12.19
N ASN C 39 -3.36 30.22 11.63
CA ASN C 39 -2.17 30.90 12.12
C ASN C 39 -2.37 31.33 13.58
N ASP C 40 -3.58 31.74 13.94
CA ASP C 40 -3.83 32.15 15.32
C ASP C 40 -3.81 30.92 16.22
N ILE C 41 -4.23 29.77 15.70
CA ILE C 41 -4.20 28.57 16.54
C ILE C 41 -2.75 28.18 16.79
N ILE C 42 -1.92 28.21 15.75
CA ILE C 42 -0.51 27.86 15.92
C ILE C 42 0.13 28.81 16.92
N ALA C 43 -0.32 30.06 16.89
CA ALA C 43 0.23 31.06 17.81
C ALA C 43 -0.14 30.66 19.25
N ASP C 44 -1.33 30.09 19.44
CA ASP C 44 -1.76 29.68 20.77
C ASP C 44 -1.00 28.44 21.21
N ILE C 45 -0.63 27.59 20.25
CA ILE C 45 0.10 26.37 20.55
C ILE C 45 1.49 26.78 21.06
N LYS C 46 2.13 27.69 20.35
CA LYS C 46 3.45 28.18 20.74
C LYS C 46 3.32 28.93 22.06
N GLN C 47 2.16 29.54 22.25
CA GLN C 47 1.86 30.29 23.47
C GLN C 47 2.10 29.35 24.62
N ARG C 48 1.38 28.24 24.55
CA ARG C 48 1.36 27.21 25.56
C ARG C 48 2.58 26.30 25.69
N GLN C 49 3.09 25.78 24.57
CA GLN C 49 4.25 24.89 24.64
C GLN C 49 5.54 25.65 24.39
N THR C 50 6.11 26.19 25.48
CA THR C 50 7.34 26.95 25.44
C THR C 50 8.61 26.14 25.72
N SER C 51 8.44 24.97 26.33
CA SER C 51 9.57 24.09 26.68
C SER C 51 9.98 23.11 25.57
N PRO C 52 11.24 23.15 25.14
CA PRO C 52 11.67 22.21 24.10
C PRO C 52 11.44 20.76 24.55
N ASP C 53 11.26 20.56 25.85
CA ASP C 53 11.03 19.23 26.38
C ASP C 53 9.55 18.98 26.59
N ALA C 54 8.74 19.99 26.29
CA ALA C 54 7.30 19.90 26.41
C ALA C 54 6.62 20.53 25.22
N ARG C 55 6.87 19.95 24.04
CA ARG C 55 6.25 20.45 22.82
C ARG C 55 5.69 19.31 21.96
N PRO C 56 4.63 18.66 22.47
CA PRO C 56 3.82 17.55 21.97
C PRO C 56 3.21 17.88 20.63
N GLY C 57 2.82 19.14 20.48
CA GLY C 57 2.21 19.58 19.23
C GLY C 57 0.72 19.62 19.46
N ALA C 58 -0.04 19.50 18.39
CA ALA C 58 -1.48 19.53 18.50
C ALA C 58 -2.14 19.05 17.23
N ALA C 59 -3.46 19.00 17.27
CA ALA C 59 -4.25 18.60 16.14
C ALA C 59 -5.27 19.66 15.82
N ILE C 60 -5.35 20.03 14.55
CA ILE C 60 -6.32 21.01 14.08
C ILE C 60 -7.25 20.25 13.14
N ILE C 61 -8.52 20.18 13.54
CA ILE C 61 -9.56 19.48 12.79
C ILE C 61 -10.33 20.42 11.88
N ILE C 62 -10.51 20.04 10.62
CA ILE C 62 -11.26 20.89 9.70
C ILE C 62 -12.57 20.21 9.29
N PRO C 63 -13.68 20.59 9.94
CA PRO C 63 -15.04 20.09 9.71
C PRO C 63 -15.50 20.14 8.25
N PRO C 64 -16.44 19.25 7.87
CA PRO C 64 -16.92 19.29 6.49
C PRO C 64 -17.38 20.70 6.16
N GLY C 65 -16.90 21.26 5.07
CA GLY C 65 -17.32 22.60 4.72
C GLY C 65 -16.53 23.33 3.66
N ASP C 66 -17.01 24.54 3.34
CA ASP C 66 -16.40 25.41 2.36
C ASP C 66 -15.63 26.51 3.11
N TYR C 67 -14.31 26.57 2.93
CA TYR C 67 -13.49 27.56 3.60
C TYR C 67 -12.56 28.30 2.64
N ASP C 68 -12.48 29.62 2.78
CA ASP C 68 -11.61 30.46 1.94
C ASP C 68 -10.28 30.72 2.64
N LEU C 69 -9.17 30.45 1.95
CA LEU C 69 -7.87 30.73 2.55
C LEU C 69 -7.21 31.89 1.81
N HIS C 70 -7.20 33.06 2.43
CA HIS C 70 -6.58 34.23 1.83
C HIS C 70 -5.17 34.36 2.42
N THR C 71 -5.01 34.09 3.72
CA THR C 71 -3.71 34.20 4.41
C THR C 71 -2.91 32.90 4.51
N GLN C 72 -1.69 32.93 4.00
CA GLN C 72 -0.77 31.80 4.03
C GLN C 72 -0.47 31.31 5.44
N VAL C 73 -0.49 29.99 5.64
CA VAL C 73 -0.21 29.40 6.94
C VAL C 73 1.21 28.92 7.06
N VAL C 74 1.93 29.49 8.02
CA VAL C 74 3.31 29.09 8.25
C VAL C 74 3.33 28.10 9.40
N VAL C 75 3.73 26.88 9.09
CA VAL C 75 3.79 25.82 10.07
C VAL C 75 5.21 25.63 10.55
N ASP C 76 5.43 25.98 11.80
CA ASP C 76 6.75 25.87 12.39
C ASP C 76 6.77 25.07 13.69
N VAL C 77 5.80 24.20 13.89
CA VAL C 77 5.84 23.38 15.07
C VAL C 77 5.81 21.93 14.64
N SER C 78 6.64 21.15 15.29
CA SER C 78 6.75 19.74 15.01
C SER C 78 5.55 19.00 15.54
N TYR C 79 5.27 17.88 14.90
CA TYR C 79 4.16 17.02 15.29
C TYR C 79 2.80 17.73 15.18
N LEU C 80 2.63 18.58 14.17
CA LEU C 80 1.36 19.28 13.96
C LEU C 80 0.53 18.43 13.01
N THR C 81 -0.70 18.16 13.39
CA THR C 81 -1.61 17.38 12.57
C THR C 81 -2.80 18.21 12.14
N ILE C 82 -2.98 18.37 10.83
CA ILE C 82 -4.11 19.11 10.34
C ILE C 82 -4.90 18.05 9.56
N ALA C 83 -6.08 17.74 10.07
CA ALA C 83 -6.91 16.72 9.47
C ALA C 83 -8.35 17.12 9.23
N GLY C 84 -8.94 16.51 8.20
CA GLY C 84 -10.33 16.78 7.86
C GLY C 84 -11.07 15.46 7.82
N PHE C 85 -12.20 15.43 7.12
CA PHE C 85 -13.01 14.20 7.02
C PHE C 85 -13.12 13.70 5.59
N GLY C 86 -12.44 14.34 4.65
CA GLY C 86 -12.53 13.89 3.27
C GLY C 86 -11.64 14.62 2.28
N HIS C 87 -11.33 13.95 1.18
CA HIS C 87 -10.49 14.53 0.12
C HIS C 87 -11.32 15.36 -0.85
N GLY C 88 -12.63 15.10 -0.83
CA GLY C 88 -13.59 15.82 -1.65
C GLY C 88 -13.19 16.18 -3.07
N PHE C 89 -12.51 15.29 -3.79
CA PHE C 89 -12.13 15.66 -5.15
C PHE C 89 -13.34 15.83 -6.05
N PHE C 90 -13.19 16.73 -7.02
CA PHE C 90 -14.22 17.07 -7.98
C PHE C 90 -13.46 17.63 -9.18
N SER C 91 -13.77 17.11 -10.36
CA SER C 91 -13.13 17.49 -11.60
C SER C 91 -13.53 18.88 -12.10
N ARG C 92 -12.75 19.89 -11.76
CA ARG C 92 -13.07 21.25 -12.22
C ARG C 92 -12.82 21.34 -13.71
N SER C 93 -11.93 20.49 -14.20
CA SER C 93 -11.58 20.44 -15.62
C SER C 93 -12.82 20.15 -16.46
N ILE C 94 -13.57 19.12 -16.09
CA ILE C 94 -14.77 18.78 -16.84
C ILE C 94 -15.83 19.87 -16.68
N LEU C 95 -15.94 20.48 -15.51
CA LEU C 95 -16.91 21.55 -15.31
C LEU C 95 -16.60 22.72 -16.24
N ASP C 96 -15.33 23.11 -16.29
CA ASP C 96 -14.86 24.22 -17.12
C ASP C 96 -14.98 24.01 -18.61
N ASN C 97 -15.11 22.76 -19.03
CA ASN C 97 -15.21 22.45 -20.44
C ASN C 97 -16.56 21.83 -20.78
N SER C 98 -17.51 21.96 -19.85
CA SER C 98 -18.86 21.43 -20.02
C SER C 98 -19.91 22.53 -19.81
N ASN C 99 -21.17 22.15 -20.01
CA ASN C 99 -22.31 23.05 -19.82
C ASN C 99 -22.92 22.78 -18.45
N PRO C 100 -22.59 23.61 -17.46
CA PRO C 100 -23.07 23.56 -16.07
C PRO C 100 -24.58 23.58 -15.80
N THR C 101 -25.40 23.85 -16.80
CA THR C 101 -26.85 23.91 -16.57
C THR C 101 -27.47 22.69 -15.87
N GLY C 102 -28.11 22.96 -14.74
CA GLY C 102 -28.76 21.90 -13.99
C GLY C 102 -27.81 21.02 -13.20
N TRP C 103 -26.52 21.37 -13.19
CA TRP C 103 -25.53 20.59 -12.46
C TRP C 103 -25.80 20.74 -10.95
N GLN C 104 -25.78 19.61 -10.24
CA GLN C 104 -26.05 19.56 -8.80
C GLN C 104 -24.85 19.92 -7.91
N ASN C 105 -23.67 19.98 -8.53
CA ASN C 105 -22.44 20.34 -7.83
C ASN C 105 -21.56 21.13 -8.80
N LEU C 106 -20.99 22.23 -8.33
CA LEU C 106 -20.12 23.04 -9.15
C LEU C 106 -18.75 23.15 -8.48
N GLN C 107 -18.62 22.53 -7.31
CA GLN C 107 -17.37 22.61 -6.55
C GLN C 107 -16.97 21.44 -5.68
N PRO C 108 -15.66 21.35 -5.36
CA PRO C 108 -15.06 20.32 -4.52
C PRO C 108 -15.71 20.30 -3.14
N GLY C 109 -15.64 19.17 -2.44
CA GLY C 109 -16.28 19.07 -1.14
C GLY C 109 -15.46 18.57 0.05
N ALA C 110 -16.13 17.94 1.01
CA ALA C 110 -15.49 17.42 2.22
C ALA C 110 -14.93 18.64 2.96
N SER C 111 -13.75 18.51 3.56
CA SER C 111 -13.13 19.62 4.26
C SER C 111 -12.38 20.37 3.17
N HIS C 112 -13.17 21.17 2.47
CA HIS C 112 -12.80 21.99 1.32
C HIS C 112 -12.18 23.36 1.59
N ILE C 113 -10.89 23.49 1.30
CA ILE C 113 -10.20 24.76 1.47
C ILE C 113 -9.93 25.35 0.11
N ARG C 114 -10.47 26.54 -0.10
CA ARG C 114 -10.28 27.23 -1.36
C ARG C 114 -9.10 28.14 -1.15
N VAL C 115 -8.06 27.82 -1.90
CA VAL C 115 -6.80 28.54 -1.86
C VAL C 115 -6.93 29.81 -2.69
N LEU C 116 -6.95 30.95 -2.01
CA LEU C 116 -7.06 32.24 -2.68
C LEU C 116 -5.87 33.09 -2.25
N THR C 117 -4.69 32.51 -2.38
CA THR C 117 -3.46 33.17 -1.98
C THR C 117 -2.96 34.24 -2.93
N SER C 118 -2.27 35.21 -2.33
CA SER C 118 -1.70 36.36 -3.05
C SER C 118 -0.31 35.97 -3.56
N PRO C 119 0.12 36.58 -4.67
CA PRO C 119 1.43 36.31 -5.25
C PRO C 119 2.60 36.27 -4.24
N SER C 120 2.62 37.22 -3.31
CA SER C 120 3.67 37.32 -2.30
C SER C 120 3.72 36.17 -1.28
N ALA C 121 2.69 35.33 -1.26
CA ALA C 121 2.62 34.20 -0.35
C ALA C 121 1.79 33.11 -1.04
N PRO C 122 2.33 32.52 -2.11
CA PRO C 122 1.72 31.47 -2.92
C PRO C 122 1.07 30.29 -2.18
N GLN C 123 1.89 29.64 -1.36
CA GLN C 123 1.52 28.46 -0.61
C GLN C 123 0.43 28.59 0.45
N ALA C 124 -0.56 27.71 0.39
CA ALA C 124 -1.65 27.72 1.36
C ALA C 124 -0.99 27.37 2.69
N PHE C 125 -0.12 26.38 2.63
CA PHE C 125 0.62 25.93 3.79
C PHE C 125 2.11 25.89 3.48
N LEU C 126 2.88 26.61 4.30
CA LEU C 126 4.32 26.64 4.15
C LEU C 126 4.94 26.23 5.47
N VAL C 127 5.55 25.05 5.43
CA VAL C 127 6.18 24.46 6.59
C VAL C 127 7.66 24.79 6.59
N LYS C 128 8.11 25.49 7.61
CA LYS C 128 9.51 25.85 7.69
C LYS C 128 9.88 26.36 9.06
N ARG C 129 11.11 26.09 9.44
CA ARG C 129 11.59 26.56 10.72
C ARG C 129 13.10 26.63 10.73
N ALA C 130 13.58 27.71 11.31
CA ALA C 130 15.00 27.91 11.41
C ALA C 130 15.43 27.33 12.73
N GLY C 131 16.72 27.19 12.88
CA GLY C 131 17.27 26.66 14.09
C GLY C 131 17.34 25.15 14.06
N ASP C 132 17.84 24.62 15.15
CA ASP C 132 17.96 23.19 15.23
C ASP C 132 16.85 22.68 16.12
N PRO C 133 16.38 21.48 15.80
CA PRO C 133 15.87 20.17 15.45
C PRO C 133 15.17 20.36 14.13
N ARG C 134 15.33 19.42 13.22
CA ARG C 134 14.62 19.58 11.98
C ARG C 134 13.21 19.28 12.38
N LEU C 135 12.28 19.83 11.61
CA LEU C 135 10.89 19.59 11.87
C LEU C 135 10.59 18.13 11.65
N SER C 136 9.80 17.57 12.55
CA SER C 136 9.47 16.16 12.43
C SER C 136 8.05 15.83 12.82
N GLY C 137 7.58 14.71 12.29
CA GLY C 137 6.25 14.21 12.57
C GLY C 137 5.03 15.01 12.13
N ILE C 138 5.19 15.94 11.19
CA ILE C 138 4.02 16.70 10.76
C ILE C 138 3.15 15.87 9.83
N VAL C 139 1.85 15.90 10.11
CA VAL C 139 0.87 15.13 9.37
C VAL C 139 -0.25 16.00 8.76
N PHE C 140 -0.46 15.88 7.45
CA PHE C 140 -1.50 16.61 6.72
C PHE C 140 -2.43 15.52 6.20
N ARG C 141 -3.68 15.50 6.66
CA ARG C 141 -4.54 14.44 6.17
C ARG C 141 -6.03 14.67 6.04
N ASP C 142 -6.60 13.87 5.16
CA ASP C 142 -8.02 13.85 4.88
C ASP C 142 -8.75 15.17 4.69
N PHE C 143 -8.17 16.10 3.93
CA PHE C 143 -8.87 17.34 3.63
C PHE C 143 -8.58 17.77 2.20
N CYS C 144 -9.28 18.80 1.73
CA CYS C 144 -9.17 19.26 0.35
C CYS C 144 -8.61 20.66 0.07
N LEU C 145 -7.64 20.72 -0.85
CA LEU C 145 -7.01 21.96 -1.26
C LEU C 145 -7.35 22.21 -2.73
N ASP C 146 -8.15 23.26 -2.96
CA ASP C 146 -8.63 23.59 -4.29
C ASP C 146 -8.16 24.98 -4.76
N GLY C 147 -7.51 25.02 -5.92
CA GLY C 147 -6.99 26.27 -6.47
C GLY C 147 -8.03 27.10 -7.20
N VAL C 148 -9.27 26.61 -7.16
CA VAL C 148 -10.40 27.29 -7.77
C VAL C 148 -10.43 27.44 -9.30
N GLY C 149 -9.32 27.88 -9.89
CA GLY C 149 -9.30 28.04 -11.33
C GLY C 149 -7.95 28.37 -11.93
N PHE C 150 -7.84 28.23 -13.25
CA PHE C 150 -6.60 28.51 -13.96
C PHE C 150 -6.64 29.87 -14.64
N THR C 151 -5.49 30.54 -14.68
CA THR C 151 -5.43 31.89 -15.21
C THR C 151 -4.23 32.24 -16.10
N PRO C 152 -4.43 32.87 -17.28
CA PRO C 152 -5.49 33.43 -18.15
C PRO C 152 -6.46 32.43 -18.78
N GLY C 153 -5.91 31.37 -19.38
CA GLY C 153 -6.75 30.36 -19.99
C GLY C 153 -7.35 29.47 -18.93
N LYS C 154 -8.61 29.08 -19.11
CA LYS C 154 -9.25 28.20 -18.14
C LYS C 154 -8.63 26.82 -18.14
N ASN C 155 -7.85 26.52 -19.17
CA ASN C 155 -7.17 25.23 -19.30
C ASN C 155 -5.66 25.39 -19.32
N SER C 156 -5.17 26.45 -18.67
CA SER C 156 -3.74 26.74 -18.64
C SER C 156 -2.91 25.95 -17.63
N TYR C 157 -3.54 25.44 -16.57
CA TYR C 157 -2.82 24.72 -15.52
C TYR C 157 -1.85 25.67 -14.86
N HIS C 158 -2.17 26.96 -14.92
CA HIS C 158 -1.33 27.97 -14.31
C HIS C 158 -2.16 28.87 -13.45
N ASN C 159 -1.65 29.21 -12.27
CA ASN C 159 -2.40 30.11 -11.41
C ASN C 159 -1.56 30.59 -10.24
N GLY C 160 -0.30 30.17 -10.24
CA GLY C 160 0.65 30.57 -9.23
C GLY C 160 0.37 30.16 -7.78
N LYS C 161 -0.56 29.24 -7.56
CA LYS C 161 -0.87 28.83 -6.20
C LYS C 161 -0.23 27.48 -5.87
N THR C 162 0.09 27.27 -4.60
CA THR C 162 0.66 26.00 -4.16
C THR C 162 -0.13 25.54 -2.94
N GLY C 163 -0.39 24.24 -2.85
CA GLY C 163 -1.16 23.71 -1.75
C GLY C 163 -0.39 23.54 -0.45
N ILE C 164 0.60 22.66 -0.47
CA ILE C 164 1.42 22.40 0.71
C ILE C 164 2.88 22.42 0.29
N GLU C 165 3.69 23.25 0.96
CA GLU C 165 5.10 23.31 0.61
C GLU C 165 5.98 23.23 1.85
N VAL C 166 6.90 22.29 1.81
CA VAL C 166 7.83 22.08 2.91
C VAL C 166 9.21 22.55 2.46
N ALA C 167 9.61 23.71 2.98
CA ALA C 167 10.89 24.31 2.59
C ALA C 167 12.11 24.00 3.48
N SER C 168 11.91 23.44 4.67
CA SER C 168 13.05 23.15 5.53
C SER C 168 13.25 21.64 5.63
N ASP C 169 14.46 21.21 5.96
CA ASP C 169 14.72 19.79 6.09
C ASP C 169 13.75 19.24 7.11
N ASN C 170 13.13 18.13 6.77
CA ASN C 170 12.12 17.54 7.61
C ASN C 170 12.32 16.05 7.82
N ASP C 171 11.77 15.53 8.91
CA ASP C 171 11.86 14.11 9.16
C ASP C 171 10.54 13.49 9.56
N SER C 172 10.28 12.34 8.97
CA SER C 172 9.09 11.56 9.22
C SER C 172 7.77 12.27 8.94
N PHE C 173 7.70 13.05 7.85
CA PHE C 173 6.45 13.72 7.53
C PHE C 173 5.51 12.69 6.92
N HIS C 174 4.21 12.89 7.13
CA HIS C 174 3.19 12.00 6.62
C HIS C 174 2.10 12.80 5.93
N ILE C 175 1.85 12.48 4.66
CA ILE C 175 0.84 13.16 3.86
C ILE C 175 -0.11 12.11 3.31
N THR C 176 -1.31 11.98 3.89
CA THR C 176 -2.24 10.97 3.39
C THR C 176 -3.73 11.36 3.34
N GLY C 177 -4.46 10.63 2.50
CA GLY C 177 -5.89 10.84 2.31
C GLY C 177 -6.31 12.19 1.78
N MSE C 178 -5.37 12.94 1.25
CA MSE C 178 -5.64 14.28 0.75
C MSE C 178 -6.27 14.40 -0.63
O MSE C 178 -6.30 13.44 -1.41
CB MSE C 178 -4.36 15.10 0.78
CG MSE C 178 -3.75 15.16 2.15
SE MSE C 178 -4.52 16.57 3.14
CE MSE C 178 -4.09 17.95 1.93
N GLY C 179 -6.78 15.59 -0.90
CA GLY C 179 -7.41 15.88 -2.17
C GLY C 179 -6.84 17.21 -2.64
N PHE C 180 -6.11 17.19 -3.74
CA PHE C 180 -5.52 18.40 -4.31
C PHE C 180 -6.16 18.59 -5.67
N VAL C 181 -6.59 19.81 -5.98
CA VAL C 181 -7.18 20.06 -7.27
C VAL C 181 -7.03 21.50 -7.74
N TYR C 182 -6.73 21.64 -9.03
CA TYR C 182 -6.54 22.92 -9.70
C TYR C 182 -5.50 23.87 -9.08
N LEU C 183 -4.37 23.29 -8.67
CA LEU C 183 -3.26 24.05 -8.06
C LEU C 183 -2.06 23.99 -8.99
N GLU C 184 -1.34 25.09 -9.16
CA GLU C 184 -0.20 25.01 -10.05
C GLU C 184 0.80 24.00 -9.51
N HIS C 185 0.93 23.96 -8.19
CA HIS C 185 1.83 23.00 -7.55
C HIS C 185 1.01 22.45 -6.39
N ALA C 186 0.76 21.15 -6.37
CA ALA C 186 -0.03 20.57 -5.29
C ALA C 186 0.82 20.45 -4.04
N LEU C 187 1.81 19.56 -4.12
CA LEU C 187 2.69 19.29 -2.99
C LEU C 187 4.18 19.40 -3.32
N ILE C 188 4.90 20.13 -2.48
CA ILE C 188 6.35 20.30 -2.66
C ILE C 188 7.05 19.98 -1.34
N VAL C 189 8.08 19.15 -1.39
CA VAL C 189 8.82 18.78 -0.19
C VAL C 189 10.33 18.66 -0.43
N ARG C 190 11.06 19.64 0.10
CA ARG C 190 12.50 19.74 -0.01
C ARG C 190 13.19 19.03 1.15
N GLY C 191 14.27 18.31 0.86
CA GLY C 191 14.99 17.62 1.92
C GLY C 191 14.15 16.67 2.74
N ALA C 192 13.35 15.88 2.04
CA ALA C 192 12.46 14.90 2.69
C ALA C 192 13.27 13.70 3.13
N ASP C 193 13.02 13.26 4.36
CA ASP C 193 13.71 12.12 4.96
C ASP C 193 12.64 11.26 5.65
N ALA C 194 12.50 10.01 5.23
CA ALA C 194 11.51 9.08 5.77
C ALA C 194 10.11 9.63 5.56
N LEU C 195 9.94 10.35 4.45
CA LEU C 195 8.66 10.94 4.10
C LEU C 195 7.71 9.90 3.60
N ARG C 196 6.43 10.13 3.85
CA ARG C 196 5.44 9.22 3.37
C ARG C 196 4.28 9.96 2.77
N VAL C 197 4.07 9.68 1.50
CA VAL C 197 3.02 10.26 0.71
C VAL C 197 2.29 9.02 0.20
N ASN C 198 1.09 8.81 0.71
CA ASN C 198 0.30 7.62 0.34
C ASN C 198 -1.20 7.83 0.43
N ASP C 199 -1.94 7.10 -0.42
CA ASP C 199 -3.40 7.15 -0.42
C ASP C 199 -3.97 8.55 -0.70
N ASN C 200 -3.34 9.31 -1.62
CA ASN C 200 -3.81 10.65 -1.95
C ASN C 200 -4.34 10.76 -3.37
N MSE C 201 -5.21 11.74 -3.58
CA MSE C 201 -5.80 12.03 -4.88
C MSE C 201 -5.31 13.42 -5.28
O MSE C 201 -5.85 14.43 -4.80
CB MSE C 201 -7.32 11.98 -4.82
CG MSE C 201 -8.02 12.52 -6.05
SE MSE C 201 -7.64 11.52 -7.63
CE MSE C 201 -9.43 11.31 -8.28
N ILE C 202 -4.31 13.45 -6.15
CA ILE C 202 -3.70 14.69 -6.61
C ILE C 202 -3.89 14.78 -8.12
N ALA C 203 -4.84 15.58 -8.58
CA ALA C 203 -5.04 15.67 -10.02
C ALA C 203 -5.58 17.00 -10.49
N GLU C 204 -5.41 17.24 -11.79
CA GLU C 204 -5.84 18.48 -12.40
C GLU C 204 -5.05 19.61 -11.74
N CYS C 205 -3.77 19.33 -11.58
CA CYS C 205 -2.80 20.25 -11.00
C CYS C 205 -1.68 20.42 -12.03
N GLY C 206 -0.99 21.55 -11.99
CA GLY C 206 0.07 21.78 -12.95
C GLY C 206 1.19 20.81 -12.63
N ASN C 207 1.45 20.67 -11.33
CA ASN C 207 2.47 19.76 -10.82
C ASN C 207 1.84 19.04 -9.63
N CYS C 208 2.10 17.75 -9.48
CA CYS C 208 1.52 17.00 -8.39
C CYS C 208 2.47 16.85 -7.16
N VAL C 209 3.49 16.01 -7.27
CA VAL C 209 4.42 15.84 -6.14
C VAL C 209 5.87 16.17 -6.54
N GLU C 210 6.45 17.14 -5.84
CA GLU C 210 7.82 17.58 -6.11
C GLU C 210 8.76 17.43 -4.91
N LEU C 211 9.60 16.40 -4.95
CA LEU C 211 10.57 16.14 -3.90
C LEU C 211 11.90 16.72 -4.36
N THR C 212 12.10 17.99 -4.03
CA THR C 212 13.29 18.73 -4.42
C THR C 212 14.44 18.71 -3.43
N GLY C 213 15.56 19.29 -3.85
CA GLY C 213 16.73 19.36 -2.99
C GLY C 213 17.48 18.03 -2.92
N ALA C 214 16.96 17.13 -2.09
CA ALA C 214 17.58 15.82 -1.91
C ALA C 214 16.67 15.02 -1.00
N GLY C 215 16.93 13.73 -0.85
CA GLY C 215 16.09 12.92 0.01
C GLY C 215 16.63 11.56 0.39
N GLN C 216 15.97 10.95 1.36
CA GLN C 216 16.33 9.63 1.85
C GLN C 216 15.12 8.82 2.28
N ALA C 217 15.20 7.51 2.06
CA ALA C 217 14.16 6.55 2.41
C ALA C 217 12.75 7.12 2.44
N THR C 218 12.30 7.57 1.28
CA THR C 218 10.97 8.13 1.14
C THR C 218 10.08 7.10 0.44
N ILE C 219 8.79 7.14 0.77
CA ILE C 219 7.84 6.22 0.16
C ILE C 219 6.67 6.98 -0.43
N VAL C 220 6.38 6.68 -1.70
CA VAL C 220 5.27 7.30 -2.38
C VAL C 220 4.49 6.13 -2.97
N SER C 221 3.36 5.80 -2.34
CA SER C 221 2.54 4.68 -2.77
C SER C 221 1.05 4.92 -2.65
N GLY C 222 0.28 4.03 -3.28
CA GLY C 222 -1.18 4.11 -3.25
C GLY C 222 -1.81 5.42 -3.68
N ASN C 223 -1.08 6.24 -4.43
CA ASN C 223 -1.59 7.53 -4.88
C ASN C 223 -2.17 7.53 -6.29
N HIS C 224 -3.09 8.47 -6.53
CA HIS C 224 -3.77 8.70 -7.81
C HIS C 224 -3.28 10.05 -8.32
N MSE C 225 -2.47 10.11 -9.38
CA MSE C 225 -1.99 11.43 -9.84
C MSE C 225 -2.12 11.74 -11.33
O MSE C 225 -1.92 10.89 -12.21
CB MSE C 225 -0.52 11.65 -9.49
CG MSE C 225 -0.18 11.70 -8.01
SE MSE C 225 1.73 11.80 -7.86
CE MSE C 225 1.99 10.57 -6.38
N GLY C 226 -2.42 13.01 -11.60
CA GLY C 226 -2.56 13.52 -12.96
C GLY C 226 -2.12 14.98 -12.92
N ALA C 227 -1.09 15.32 -13.70
CA ALA C 227 -0.55 16.68 -13.72
C ALA C 227 -0.90 17.52 -14.93
N GLY C 228 -0.01 18.46 -15.27
CA GLY C 228 -0.22 19.32 -16.41
C GLY C 228 0.90 19.20 -17.45
N PRO C 229 0.59 19.52 -18.72
CA PRO C 229 1.52 19.48 -19.86
C PRO C 229 2.89 20.09 -19.57
N ASP C 230 2.88 21.19 -18.81
CA ASP C 230 4.10 21.90 -18.47
C ASP C 230 4.55 21.58 -17.05
N GLY C 231 4.02 20.50 -16.49
CA GLY C 231 4.39 20.15 -15.13
C GLY C 231 4.79 18.71 -14.98
N VAL C 232 5.18 18.36 -13.77
CA VAL C 232 5.60 17.01 -13.46
C VAL C 232 4.52 16.37 -12.61
N THR C 233 4.46 15.04 -12.65
CA THR C 233 3.51 14.34 -11.85
C THR C 233 4.30 14.02 -10.59
N LEU C 234 5.28 13.14 -10.67
CA LEU C 234 6.13 12.84 -9.53
C LEU C 234 7.55 13.18 -9.94
N LEU C 235 8.17 14.08 -9.18
CA LEU C 235 9.52 14.51 -9.46
C LEU C 235 10.40 14.32 -8.23
N ALA C 236 11.59 13.76 -8.43
CA ALA C 236 12.50 13.52 -7.33
C ALA C 236 13.91 14.03 -7.65
N GLU C 237 14.47 14.81 -6.74
CA GLU C 237 15.79 15.38 -6.95
C GLU C 237 16.83 14.88 -5.95
N ASN C 238 17.84 14.19 -6.48
CA ASN C 238 18.93 13.67 -5.67
C ASN C 238 18.41 12.89 -4.47
N HIS C 239 17.55 11.92 -4.77
CA HIS C 239 16.97 11.06 -3.75
C HIS C 239 17.69 9.73 -3.75
N GLU C 240 17.63 9.08 -2.60
CA GLU C 240 18.27 7.80 -2.40
C GLU C 240 17.30 7.00 -1.56
N GLY C 241 17.08 5.75 -1.92
CA GLY C 241 16.16 4.91 -1.18
C GLY C 241 14.68 5.20 -1.42
N LEU C 242 14.37 5.95 -2.48
CA LEU C 242 12.98 6.26 -2.78
C LEU C 242 12.26 5.02 -3.29
N LEU C 243 11.06 4.79 -2.77
CA LEU C 243 10.23 3.67 -3.18
C LEU C 243 8.96 4.27 -3.76
N VAL C 244 8.68 3.94 -5.00
CA VAL C 244 7.48 4.43 -5.65
C VAL C 244 6.79 3.14 -6.07
N THR C 245 5.65 2.90 -5.44
CA THR C 245 4.92 1.65 -5.67
C THR C 245 3.40 1.77 -5.56
N GLY C 246 2.69 0.89 -6.27
CA GLY C 246 1.25 0.88 -6.23
C GLY C 246 0.54 2.19 -6.48
N ASN C 247 1.09 3.01 -7.36
CA ASN C 247 0.46 4.28 -7.70
C ASN C 247 -0.24 4.14 -9.03
N ASN C 248 -1.26 4.96 -9.25
CA ASN C 248 -1.97 4.93 -10.52
C ASN C 248 -1.84 6.32 -11.08
N LEU C 249 -0.84 6.49 -11.94
CA LEU C 249 -0.56 7.79 -12.55
C LEU C 249 -1.19 7.85 -13.92
N PHE C 250 -2.03 8.86 -14.11
CA PHE C 250 -2.73 9.03 -15.36
C PHE C 250 -2.43 10.35 -16.03
N PRO C 251 -2.96 10.56 -17.23
CA PRO C 251 -2.76 11.76 -18.02
C PRO C 251 -2.53 13.19 -17.57
N ARG C 252 -1.89 14.48 -17.45
CA ARG C 252 -1.05 14.87 -18.70
C ARG C 252 0.03 15.71 -18.14
N GLY C 253 0.75 15.19 -17.26
CA GLY C 253 2.08 15.73 -17.01
C GLY C 253 2.98 15.68 -18.23
N ARG C 254 4.12 16.36 -18.17
CA ARG C 254 5.07 16.33 -19.28
C ARG C 254 5.72 14.97 -19.12
N SER C 255 5.70 14.51 -17.87
CA SER C 255 6.25 13.21 -17.49
C SER C 255 5.37 12.70 -16.37
N LEU C 256 5.50 11.42 -16.02
CA LEU C 256 4.69 10.87 -14.94
C LEU C 256 5.62 10.57 -13.76
N ILE C 257 6.83 10.17 -14.07
CA ILE C 257 7.84 9.89 -13.05
C ILE C 257 9.15 10.43 -13.58
N GLU C 258 9.72 11.35 -12.83
CA GLU C 258 10.95 11.99 -13.27
C GLU C 258 11.96 12.16 -12.15
N PHE C 259 13.06 11.44 -12.28
CA PHE C 259 14.15 11.47 -11.32
C PHE C 259 15.35 12.23 -11.89
N THR C 260 15.92 13.15 -11.15
CA THR C 260 17.13 13.76 -11.64
C THR C 260 18.21 13.47 -10.61
N GLY C 261 19.19 12.70 -11.05
CA GLY C 261 20.31 12.34 -10.20
C GLY C 261 19.95 11.56 -8.95
N CYS C 262 18.92 10.72 -9.01
CA CYS C 262 18.57 9.94 -7.82
C CYS C 262 19.35 8.63 -7.94
N ASN C 263 19.72 8.05 -6.79
CA ASN C 263 20.47 6.80 -6.83
C ASN C 263 19.79 5.73 -5.99
N ARG C 264 19.93 4.49 -6.42
CA ARG C 264 19.36 3.34 -5.71
C ARG C 264 17.89 3.51 -5.32
N CYS C 265 17.07 3.99 -6.24
CA CYS C 265 15.66 4.14 -5.92
C CYS C 265 14.91 3.03 -6.63
N SER C 266 13.62 2.88 -6.35
CA SER C 266 12.85 1.82 -6.99
C SER C 266 11.46 2.26 -7.40
N VAL C 267 11.09 1.88 -8.62
CA VAL C 267 9.77 2.19 -9.15
C VAL C 267 9.18 0.87 -9.60
N THR C 268 8.28 0.34 -8.76
CA THR C 268 7.67 -0.97 -8.99
C THR C 268 6.17 -1.04 -8.76
N SER C 269 5.53 -1.97 -9.45
CA SER C 269 4.08 -2.20 -9.28
C SER C 269 3.24 -0.93 -9.45
N ASN C 270 3.46 -0.21 -10.56
CA ASN C 270 2.72 1.00 -10.82
C ASN C 270 1.96 0.92 -12.14
N ARG C 271 0.99 1.81 -12.27
CA ARG C 271 0.18 1.91 -13.48
C ARG C 271 0.42 3.29 -14.05
N LEU C 272 1.06 3.35 -15.22
CA LEU C 272 1.34 4.62 -15.85
C LEU C 272 0.62 4.79 -17.18
N GLN C 273 0.01 5.95 -17.37
CA GLN C 273 -0.71 6.28 -18.61
C GLN C 273 -0.43 7.72 -18.99
N GLY C 274 0.23 7.91 -20.12
CA GLY C 274 0.54 9.25 -20.57
C GLY C 274 0.15 9.48 -22.02
N PHE C 275 0.14 10.75 -22.43
CA PHE C 275 -0.21 11.11 -23.79
C PHE C 275 1.01 11.66 -24.52
N TYR C 276 2.16 11.64 -23.85
CA TYR C 276 3.37 12.16 -24.45
C TYR C 276 4.61 11.37 -24.19
N PRO C 277 5.66 11.68 -24.98
CA PRO C 277 6.99 11.08 -24.92
C PRO C 277 7.60 11.33 -23.53
N GLY C 278 8.42 10.39 -23.07
CA GLY C 278 9.08 10.52 -21.79
C GLY C 278 8.18 10.52 -20.56
N MSE C 279 7.40 9.46 -20.37
CA MSE C 279 6.52 9.33 -19.21
C MSE C 279 7.33 8.95 -17.99
O MSE C 279 6.98 9.27 -16.85
CB MSE C 279 5.45 8.28 -19.48
CG MSE C 279 4.41 8.66 -20.49
SE MSE C 279 3.56 7.11 -21.23
CE MSE C 279 3.12 6.18 -19.62
N LEU C 280 8.44 8.25 -18.23
CA LEU C 280 9.33 7.77 -17.17
C LEU C 280 10.73 8.29 -17.51
N ARG C 281 11.26 9.20 -16.70
CA ARG C 281 12.57 9.77 -16.99
C ARG C 281 13.63 9.67 -15.89
N LEU C 282 14.79 9.13 -16.27
CA LEU C 282 15.93 9.00 -15.37
C LEU C 282 17.01 9.87 -16.01
N LEU C 283 17.06 11.10 -15.52
CA LEU C 283 17.96 12.14 -16.02
C LEU C 283 19.14 12.50 -15.15
N ASN C 284 20.07 13.22 -15.77
CA ASN C 284 21.25 13.72 -15.11
C ASN C 284 21.96 12.67 -14.25
N GLY C 285 22.26 11.55 -14.88
CA GLY C 285 22.98 10.47 -14.24
C GLY C 285 22.35 9.78 -13.03
N CYS C 286 21.20 9.16 -13.22
CA CYS C 286 20.59 8.42 -12.11
C CYS C 286 21.31 7.09 -12.13
N LYS C 287 21.71 6.62 -10.96
CA LYS C 287 22.45 5.35 -10.87
C LYS C 287 21.79 4.27 -10.02
N GLU C 288 21.98 3.02 -10.44
CA GLU C 288 21.50 1.86 -9.73
C GLU C 288 20.02 1.79 -9.31
N ASN C 289 19.13 2.21 -10.19
CA ASN C 289 17.70 2.20 -9.88
C ASN C 289 16.98 1.03 -10.52
N LEU C 290 15.91 0.59 -9.86
CA LEU C 290 15.11 -0.52 -10.32
C LEU C 290 13.73 -0.06 -10.78
N ILE C 291 13.43 -0.30 -12.05
CA ILE C 291 12.14 0.05 -12.64
C ILE C 291 11.61 -1.28 -13.11
N THR C 292 10.65 -1.83 -12.38
CA THR C 292 10.14 -3.14 -12.74
C THR C 292 8.68 -3.36 -12.37
N ALA C 293 8.06 -4.34 -13.02
CA ALA C 293 6.67 -4.69 -12.76
C ALA C 293 5.69 -3.52 -12.88
N ASN C 294 5.91 -2.65 -13.87
CA ASN C 294 5.03 -1.50 -14.08
C ASN C 294 4.29 -1.65 -15.39
N HIS C 295 3.08 -1.08 -15.47
CA HIS C 295 2.33 -1.11 -16.70
C HIS C 295 2.46 0.28 -17.30
N ILE C 296 3.10 0.34 -18.45
CA ILE C 296 3.35 1.60 -19.12
C ILE C 296 2.59 1.71 -20.42
N ARG C 297 1.64 2.64 -20.45
CA ARG C 297 0.82 2.85 -21.63
C ARG C 297 0.87 4.27 -22.17
N ARG C 298 1.29 4.36 -23.42
CA ARG C 298 1.39 5.63 -24.10
C ARG C 298 0.30 5.65 -25.17
N THR C 299 -0.43 6.76 -25.25
CA THR C 299 -1.48 6.86 -26.26
C THR C 299 -1.63 8.35 -26.59
N ASN C 300 -2.64 8.66 -27.39
CA ASN C 300 -2.86 10.05 -27.78
C ASN C 300 -3.94 10.73 -26.94
N GLU C 301 -3.79 12.03 -26.75
CA GLU C 301 -4.72 12.83 -25.98
C GLU C 301 -6.13 12.65 -26.54
N GLY C 302 -7.09 12.36 -25.66
CA GLY C 302 -8.45 12.13 -26.11
C GLY C 302 -9.51 13.16 -25.77
N TYR C 303 -9.19 14.11 -24.88
CA TYR C 303 -10.16 15.15 -24.51
C TYR C 303 -9.86 16.42 -25.30
N PRO C 304 -10.73 16.76 -26.27
CA PRO C 304 -10.68 17.92 -27.16
C PRO C 304 -10.02 19.21 -26.66
N PRO C 305 -10.44 19.73 -25.49
CA PRO C 305 -9.84 20.96 -24.97
C PRO C 305 -8.32 20.97 -25.03
N PHE C 306 -7.73 19.79 -24.87
CA PHE C 306 -6.29 19.61 -24.87
C PHE C 306 -5.71 18.97 -26.10
N ILE C 307 -6.55 18.65 -27.07
CA ILE C 307 -5.98 18.02 -28.24
C ILE C 307 -5.06 19.01 -28.91
N GLY C 308 -3.95 18.48 -29.41
CA GLY C 308 -2.97 19.31 -30.08
C GLY C 308 -1.90 19.87 -29.17
N ARG C 309 -1.98 19.61 -27.86
CA ARG C 309 -0.98 20.14 -26.94
C ARG C 309 0.07 19.06 -26.69
N GLY C 310 1.31 19.47 -26.44
CA GLY C 310 2.36 18.48 -26.21
C GLY C 310 3.34 18.86 -25.12
N ASN C 311 4.43 18.10 -25.03
CA ASN C 311 5.46 18.39 -24.03
C ASN C 311 6.77 18.76 -24.72
N GLY C 312 6.69 18.99 -26.03
CA GLY C 312 7.85 19.38 -26.80
C GLY C 312 8.83 18.28 -27.13
N LEU C 313 8.50 17.04 -26.79
CA LEU C 313 9.38 15.93 -27.09
C LEU C 313 8.86 15.10 -28.23
N ASP C 314 9.76 14.44 -28.96
CA ASP C 314 9.31 13.59 -30.05
C ASP C 314 9.38 12.13 -29.61
N ASP C 315 8.87 11.25 -30.46
CA ASP C 315 8.81 9.82 -30.15
C ASP C 315 10.15 9.10 -30.15
N LEU C 316 11.24 9.82 -30.35
CA LEU C 316 12.54 9.18 -30.32
C LEU C 316 13.15 9.41 -28.94
N TYR C 317 12.46 10.17 -28.09
CA TYR C 317 12.90 10.44 -26.72
C TYR C 317 12.70 9.14 -25.96
N GLY C 318 11.65 8.41 -26.35
CA GLY C 318 11.35 7.14 -25.70
C GLY C 318 10.31 7.30 -24.61
N VAL C 319 9.44 6.29 -24.44
CA VAL C 319 8.42 6.33 -23.40
C VAL C 319 9.17 6.33 -22.08
N VAL C 320 10.28 5.59 -22.06
CA VAL C 320 11.12 5.50 -20.90
C VAL C 320 12.51 5.95 -21.34
N HIS C 321 12.97 7.02 -20.70
CA HIS C 321 14.25 7.62 -21.02
C HIS C 321 15.23 7.49 -19.86
N ILE C 322 16.32 6.75 -20.09
CA ILE C 322 17.33 6.52 -19.07
C ILE C 322 18.70 7.11 -19.40
N ALA C 323 19.21 7.91 -18.47
CA ALA C 323 20.52 8.53 -18.59
C ALA C 323 21.14 8.29 -17.23
N GLY C 324 21.99 7.26 -17.15
CA GLY C 324 22.64 6.94 -15.90
C GLY C 324 23.26 5.56 -16.01
N ASP C 325 23.77 5.02 -14.91
CA ASP C 325 24.41 3.71 -14.96
C ASP C 325 23.72 2.67 -14.08
N ASN C 326 24.00 1.42 -14.42
CA ASN C 326 23.52 0.25 -13.69
C ASN C 326 22.07 0.17 -13.26
N ASN C 327 21.17 0.73 -14.08
CA ASN C 327 19.75 0.69 -13.78
C ASN C 327 19.15 -0.58 -14.40
N LEU C 328 18.14 -1.14 -13.73
CA LEU C 328 17.50 -2.36 -14.23
C LEU C 328 16.03 -2.11 -14.60
N ILE C 329 15.76 -2.11 -15.91
CA ILE C 329 14.40 -1.90 -16.40
C ILE C 329 13.93 -3.27 -16.87
N SER C 330 13.06 -3.91 -16.08
CA SER C 330 12.58 -5.23 -16.44
C SER C 330 11.16 -5.55 -16.02
N ASP C 331 10.65 -6.66 -16.52
CA ASP C 331 9.32 -7.13 -16.21
C ASP C 331 8.27 -6.03 -16.31
N ASN C 332 8.34 -5.22 -17.36
CA ASN C 332 7.39 -4.12 -17.60
C ASN C 332 6.57 -4.41 -18.85
N LEU C 333 5.32 -3.95 -18.89
CA LEU C 333 4.48 -4.17 -20.07
C LEU C 333 4.21 -2.81 -20.74
N PHE C 334 4.65 -2.68 -21.99
CA PHE C 334 4.45 -1.45 -22.75
C PHE C 334 3.31 -1.56 -23.76
N ALA C 335 2.29 -0.72 -23.59
CA ALA C 335 1.14 -0.70 -24.50
C ALA C 335 1.16 0.65 -25.18
N TYR C 336 1.55 0.66 -26.45
CA TYR C 336 1.66 1.90 -27.21
C TYR C 336 0.68 1.97 -28.38
N ASN C 337 -0.25 2.92 -28.31
CA ASN C 337 -1.26 3.11 -29.34
C ASN C 337 -1.28 4.60 -29.72
N VAL C 338 -0.59 4.94 -30.81
CA VAL C 338 -0.53 6.32 -31.25
C VAL C 338 -0.60 6.39 -32.78
N PRO C 339 -1.54 7.20 -33.29
CA PRO C 339 -1.76 7.42 -34.72
C PRO C 339 -0.46 7.76 -35.46
N PRO C 340 -0.16 7.05 -36.56
CA PRO C 340 1.07 7.35 -37.30
C PRO C 340 1.25 8.85 -37.48
N ALA C 341 0.13 9.53 -37.72
CA ALA C 341 0.11 10.97 -37.94
C ALA C 341 0.43 11.84 -36.73
N ASN C 342 0.49 11.24 -35.54
CA ASN C 342 0.80 12.04 -34.38
C ASN C 342 2.22 11.76 -33.95
N ILE C 343 2.86 10.86 -34.69
CA ILE C 343 4.22 10.46 -34.39
C ILE C 343 5.27 11.41 -34.95
N ALA C 344 6.16 11.81 -34.04
CA ALA C 344 7.25 12.73 -34.30
C ALA C 344 8.61 12.01 -34.28
N PRO C 345 9.38 12.09 -35.36
CA PRO C 345 9.33 12.69 -36.70
C PRO C 345 8.59 11.80 -37.72
N ALA C 346 8.06 12.42 -38.75
CA ALA C 346 7.34 11.70 -39.77
C ALA C 346 8.20 10.56 -40.26
N GLY C 347 7.58 9.39 -40.37
CA GLY C 347 8.28 8.21 -40.83
C GLY C 347 9.00 7.51 -39.72
N ALA C 348 9.12 8.13 -38.56
CA ALA C 348 9.86 7.44 -37.51
C ALA C 348 9.14 6.41 -36.67
N GLN C 349 9.94 5.44 -36.25
CA GLN C 349 9.48 4.35 -35.41
C GLN C 349 9.62 4.81 -33.97
N PRO C 350 8.52 4.74 -33.22
CA PRO C 350 8.49 5.13 -31.81
C PRO C 350 9.47 4.28 -31.00
N THR C 351 10.11 4.89 -30.00
CA THR C 351 11.06 4.18 -29.16
C THR C 351 10.43 3.94 -27.79
N GLN C 352 10.34 2.67 -27.39
CA GLN C 352 9.78 2.35 -26.10
C GLN C 352 10.79 2.68 -25.01
N ILE C 353 11.96 2.06 -25.10
CA ILE C 353 13.01 2.29 -24.11
C ILE C 353 14.28 2.87 -24.72
N LEU C 354 14.62 4.08 -24.30
CA LEU C 354 15.83 4.73 -24.79
C LEU C 354 16.85 4.86 -23.68
N ILE C 355 18.01 4.26 -23.94
CA ILE C 355 19.12 4.30 -23.02
C ILE C 355 20.01 5.40 -23.60
N ALA C 356 19.70 6.62 -23.16
CA ALA C 356 20.36 7.85 -23.62
C ALA C 356 21.86 7.91 -23.42
N GLY C 357 22.33 7.36 -22.31
CA GLY C 357 23.75 7.37 -22.02
C GLY C 357 23.89 6.58 -20.77
N GLY C 358 25.12 6.20 -20.46
CA GLY C 358 25.29 5.44 -19.25
C GLY C 358 25.93 4.10 -19.49
N ASP C 359 26.45 3.57 -18.41
CA ASP C 359 27.14 2.30 -18.42
C ASP C 359 26.43 1.20 -17.67
N ALA C 360 26.51 -0.01 -18.21
CA ALA C 360 25.94 -1.19 -17.57
C ALA C 360 24.44 -1.30 -17.39
N ASN C 361 23.65 -0.53 -18.13
CA ASN C 361 22.22 -0.67 -17.95
C ASN C 361 21.75 -2.02 -18.46
N VAL C 362 20.74 -2.55 -17.79
CA VAL C 362 20.20 -3.86 -18.14
C VAL C 362 18.71 -3.78 -18.42
N VAL C 363 18.31 -4.27 -19.58
CA VAL C 363 16.91 -4.26 -19.99
C VAL C 363 16.46 -5.69 -20.29
N ALA C 364 15.63 -6.24 -19.40
CA ALA C 364 15.15 -7.60 -19.55
C ALA C 364 13.65 -7.79 -19.35
N LEU C 365 13.10 -8.76 -20.09
CA LEU C 365 11.68 -9.10 -20.05
C LEU C 365 10.74 -7.89 -20.04
N ASN C 366 10.72 -7.17 -21.15
CA ASN C 366 9.87 -6.01 -21.32
C ASN C 366 9.01 -6.29 -22.56
N HIS C 367 7.73 -6.54 -22.32
CA HIS C 367 6.80 -6.84 -23.40
C HIS C 367 6.25 -5.57 -24.03
N VAL C 368 6.40 -5.46 -25.35
CA VAL C 368 5.91 -4.31 -26.08
C VAL C 368 4.74 -4.68 -26.98
N VAL C 369 3.72 -3.83 -26.96
CA VAL C 369 2.53 -4.02 -27.77
C VAL C 369 2.33 -2.68 -28.41
N SER C 370 2.43 -2.62 -29.73
CA SER C 370 2.26 -1.36 -30.41
C SER C 370 1.53 -1.52 -31.72
N ASP C 371 0.79 -0.49 -32.07
CA ASP C 371 0.00 -0.47 -33.29
C ASP C 371 0.89 -0.24 -34.50
N VAL C 372 2.14 0.14 -34.27
CA VAL C 372 3.04 0.40 -35.36
C VAL C 372 4.40 -0.24 -35.16
N ALA C 373 5.23 -0.18 -36.20
CA ALA C 373 6.56 -0.72 -36.12
C ALA C 373 7.23 0.18 -35.10
N SER C 374 7.91 -0.42 -34.13
CA SER C 374 8.55 0.35 -33.08
C SER C 374 9.86 -0.28 -32.60
N GLN C 375 10.78 0.56 -32.15
CA GLN C 375 12.04 0.04 -31.64
C GLN C 375 11.82 -0.09 -30.14
N HIS C 376 11.73 -1.33 -29.67
CA HIS C 376 11.50 -1.63 -28.26
C HIS C 376 12.60 -1.06 -27.38
N VAL C 377 13.83 -1.18 -27.85
CA VAL C 377 14.95 -0.68 -27.09
C VAL C 377 15.96 -0.04 -28.02
N VAL C 378 16.40 1.16 -27.64
CA VAL C 378 17.40 1.87 -28.40
C VAL C 378 18.51 2.26 -27.43
N LEU C 379 19.73 1.89 -27.79
CA LEU C 379 20.89 2.20 -26.99
C LEU C 379 21.70 3.14 -27.84
N ASP C 380 21.75 4.40 -27.44
CA ASP C 380 22.48 5.38 -28.23
C ASP C 380 23.99 5.16 -28.16
N ALA C 381 24.71 5.77 -29.11
CA ALA C 381 26.15 5.61 -29.20
C ALA C 381 26.97 6.04 -27.99
N SER C 382 26.33 6.66 -27.01
CA SER C 382 27.02 7.10 -25.81
C SER C 382 27.11 5.96 -24.81
N THR C 383 26.15 5.06 -24.88
CA THR C 383 26.09 3.93 -23.97
C THR C 383 27.23 2.94 -24.08
N THR C 384 27.49 2.25 -22.98
CA THR C 384 28.52 1.24 -22.93
C THR C 384 28.06 0.07 -22.08
N HIS C 385 28.49 -1.11 -22.51
CA HIS C 385 28.22 -2.37 -21.82
C HIS C 385 26.77 -2.63 -21.38
N SER C 386 25.81 -2.20 -22.20
CA SER C 386 24.38 -2.40 -21.92
C SER C 386 24.01 -3.87 -22.12
N LYS C 387 22.91 -4.30 -21.52
CA LYS C 387 22.44 -5.68 -21.65
C LYS C 387 20.96 -5.70 -22.00
N VAL C 388 20.60 -6.32 -23.12
CA VAL C 388 19.21 -6.38 -23.53
C VAL C 388 18.81 -7.85 -23.71
N LEU C 389 17.92 -8.29 -22.84
CA LEU C 389 17.44 -9.67 -22.86
C LEU C 389 15.93 -9.76 -22.96
N ASP C 390 15.45 -10.61 -23.86
CA ASP C 390 14.02 -10.85 -24.01
C ASP C 390 13.17 -9.58 -23.99
N SER C 391 13.57 -8.59 -24.76
CA SER C 391 12.84 -7.33 -24.85
C SER C 391 12.57 -6.99 -26.31
N GLY C 392 12.58 -8.00 -27.16
CA GLY C 392 12.33 -7.80 -28.57
C GLY C 392 13.21 -8.61 -29.49
N THR C 393 12.77 -8.77 -30.74
CA THR C 393 13.55 -9.51 -31.72
C THR C 393 14.71 -8.62 -32.10
N ALA C 394 15.68 -9.17 -32.81
CA ALA C 394 16.84 -8.38 -33.22
C ALA C 394 16.47 -7.15 -34.03
N SER C 395 15.38 -7.19 -34.79
CA SER C 395 15.01 -6.02 -35.57
C SER C 395 14.07 -5.06 -34.85
N GLN C 396 13.84 -5.32 -33.56
CA GLN C 396 13.00 -4.44 -32.75
C GLN C 396 13.94 -3.74 -31.77
N ILE C 397 15.23 -4.04 -31.90
CA ILE C 397 16.28 -3.48 -31.03
C ILE C 397 17.39 -2.77 -31.82
N THR C 398 17.66 -1.50 -31.46
CA THR C 398 18.71 -0.75 -32.12
C THR C 398 19.85 -0.48 -31.14
N SER C 399 21.04 -0.96 -31.46
CA SER C 399 22.20 -0.73 -30.62
C SER C 399 23.21 0.08 -31.41
N TYR C 400 23.51 1.29 -30.94
CA TYR C 400 24.48 2.13 -31.62
C TYR C 400 25.82 2.00 -30.95
N SER C 401 25.91 1.02 -30.05
CA SER C 401 27.14 0.78 -29.38
C SER C 401 27.63 -0.53 -29.95
N SER C 402 28.79 -0.98 -29.51
CA SER C 402 29.30 -2.23 -30.04
C SER C 402 29.62 -3.22 -28.94
N ASP C 403 29.45 -2.81 -27.68
CA ASP C 403 29.71 -3.73 -26.58
C ASP C 403 28.38 -4.19 -25.99
N THR C 404 27.29 -3.81 -26.65
CA THR C 404 25.99 -4.21 -26.16
C THR C 404 25.80 -5.71 -26.36
N ALA C 405 25.27 -6.36 -25.33
CA ALA C 405 25.00 -7.79 -25.40
C ALA C 405 23.49 -7.90 -25.51
N ILE C 406 23.03 -8.52 -26.60
CA ILE C 406 21.61 -8.66 -26.86
C ILE C 406 21.19 -10.12 -27.01
N ARG C 407 20.02 -10.45 -26.45
CA ARG C 407 19.47 -11.81 -26.58
C ARG C 407 18.03 -11.69 -27.06
N PRO C 408 17.78 -12.12 -28.30
CA PRO C 408 16.44 -12.07 -28.89
C PRO C 408 15.32 -12.72 -28.08
N THR C 409 14.13 -12.16 -28.20
CA THR C 409 12.98 -12.78 -27.57
C THR C 409 12.88 -13.81 -28.69
N PRO C 410 12.94 -15.10 -28.39
CA PRO C 410 12.86 -16.08 -29.47
C PRO C 410 11.80 -15.82 -30.53
P 2PO D . -8.57 8.24 10.64
O1P 2PO D . -9.44 7.21 11.48
O2P 2PO D . -7.57 8.92 11.67
O3P 2PO D . -9.31 9.17 9.75
P 2PO E . 2.25 -2.17 -2.86
O1P 2PO E . 0.76 -2.46 -3.28
O2P 2PO E . 2.45 -2.74 -1.39
O3P 2PO E . 2.74 -0.78 -3.08
#